data_1QBQ
#
_entry.id   1QBQ
#
_cell.length_a   174.132
_cell.length_b   174.132
_cell.length_c   69.705
_cell.angle_alpha   90.00
_cell.angle_beta   90.00
_cell.angle_gamma   120.00
#
_symmetry.space_group_name_H-M   'P 61'
#
loop_
_entity.id
_entity.type
_entity.pdbx_description
1 polymer 'FPT ALPHA-SUBUNIT'
2 polymer 'FPT BETA-SUBUNIT'
3 polymer 'ACETYL-CYS-VAL-ILE-SELENOMET-COOH PEPTIDE'
4 non-polymer 'ACETATE ION'
5 non-polymer 'ZINC ION'
6 non-polymer 'ALPHA-HYDROXYFARNESYLPHOSPHONIC ACID'
7 water water
#
loop_
_entity_poly.entity_id
_entity_poly.type
_entity_poly.pdbx_seq_one_letter_code
_entity_poly.pdbx_strand_id
1 'polypeptide(L)'
;EAAASPMDDGFLSLDSPTYVLYRDRAEWADIDPVPQNDGPSPVVQIIYSEKFRDVYDYFRAVLQRDERSERAFKLTRDAI
ELNAANYTVWHFRRVLLRSLQKDLQEEMNYITAIIEEQPKNYQVWHHRRVLVEWLKDPSQELEFIADILNQDAKNYHAWQ
HRQWVIQEFRLWDNELQYVDQLLKEDVRNNSVWNQRHFVISNTTGYSDRAVLEREVQYTLEMIKLVPHNESAWNYLKGIL
QDRGLSRYPNLLNQLLDLQPSHSSPYLIAFLVDIYEDMLENQCDNKEDILNKALELCEILAKEKDTIRKEYWRYIGRSLQ
SKHSRESDIPASV
;
A
2 'polypeptide(L)'
;MASSSSFTYYCPPSSSPVWSEPLYSLRPEHARERLQDDSVETVTSIEQAKVEEKIQEVFSSYKFNHLVPRLVLQREKHFH
YLKRGLRQLTDAYECLDASRPWLCYWILHSLELLDEPIPQIVATDVCQFLELCQSPDGGFGGGPGQYPHLAPTYAAVNAL
CIIGTEEAYNVINREKLLQYLYSLKQPDGSFLMHVGGEVDVRSAYCAASVASLTNIITPDLFEGTAEWIARCQNWEGGIG
GVPGMEAHGGYTFCGLAALVILKKERSLNLKSLLQWVTSRQMRFEGGFQGRCNKLVDGCYSFWQAGLLPLLHRALHAQGD
PALSMSHWMFHQQALQEYILMCCQCPAGGLLDKPGKSRDFYHTCYCLSGLSIAQHFGSGAMLHDVVMGVPENVLQPTHPV
YNIGPDKVIQATTHFLQKPVPGFEECEDAVTSDPATD
;
B
3 'polypeptide(L)' (ACE)CVI(MSE) P
#
loop_
_chem_comp.id
_chem_comp.type
_chem_comp.name
_chem_comp.formula
ACE non-polymer 'ACETYL GROUP' 'C2 H4 O'
ACT non-polymer 'ACETATE ION' 'C2 H3 O2 -1'
HFP non-polymer 'ALPHA-HYDROXYFARNESYLPHOSPHONIC ACID' 'C15 H33 O4 P'
ZN non-polymer 'ZINC ION' 'Zn 2'
#
# COMPACT_ATOMS: atom_id res chain seq x y z
N PHE A 11 -11.83 -32.12 12.53
CA PHE A 11 -12.21 -33.33 13.33
C PHE A 11 -12.41 -32.99 14.81
N LEU A 12 -11.56 -32.10 15.32
CA LEU A 12 -11.61 -31.65 16.72
C LEU A 12 -11.25 -30.15 16.74
N SER A 13 -12.22 -29.34 17.11
CA SER A 13 -12.07 -27.88 17.17
C SER A 13 -10.98 -27.38 18.07
N LEU A 14 -10.32 -26.31 17.66
CA LEU A 14 -9.30 -25.67 18.47
C LEU A 14 -10.04 -24.98 19.61
N ASP A 15 -11.34 -24.76 19.42
CA ASP A 15 -12.20 -24.08 20.39
C ASP A 15 -13.04 -24.96 21.28
N SER A 16 -13.10 -26.25 20.92
CA SER A 16 -13.84 -27.23 21.70
C SER A 16 -13.35 -27.23 23.15
N PRO A 17 -14.27 -27.33 24.11
CA PRO A 17 -13.94 -27.34 25.54
C PRO A 17 -13.12 -28.57 25.89
N THR A 18 -13.26 -29.59 25.05
CA THR A 18 -12.54 -30.84 25.23
C THR A 18 -11.45 -31.02 24.15
N TYR A 19 -10.77 -29.93 23.80
CA TYR A 19 -9.70 -29.99 22.81
C TYR A 19 -8.47 -30.48 23.53
N VAL A 20 -7.73 -31.40 22.90
CA VAL A 20 -6.50 -31.92 23.49
C VAL A 20 -5.30 -31.70 22.58
N LEU A 21 -4.17 -31.35 23.19
CA LEU A 21 -2.92 -31.12 22.48
C LEU A 21 -2.53 -32.33 21.65
N TYR A 22 -1.88 -32.07 20.53
CA TYR A 22 -1.43 -33.14 19.64
C TYR A 22 -0.49 -34.05 20.37
N ARG A 23 0.31 -33.49 21.27
CA ARG A 23 1.24 -34.31 22.03
C ARG A 23 0.45 -35.31 22.89
N ASP A 24 -0.70 -34.88 23.42
CA ASP A 24 -1.53 -35.77 24.23
C ASP A 24 -2.40 -36.67 23.37
N ARG A 25 -2.19 -36.69 22.06
CA ARG A 25 -3.02 -37.53 21.20
C ARG A 25 -2.49 -38.89 20.85
N ALA A 26 -3.39 -39.85 20.95
CA ALA A 26 -3.09 -41.25 20.69
C ALA A 26 -2.78 -41.58 19.24
N GLU A 27 -3.41 -40.86 18.31
CA GLU A 27 -3.21 -41.09 16.88
C GLU A 27 -2.04 -40.26 16.34
N TRP A 28 -1.36 -39.56 17.25
CA TRP A 28 -0.21 -38.69 16.98
C TRP A 28 0.93 -38.96 17.97
N ALA A 29 1.32 -40.23 18.07
CA ALA A 29 2.38 -40.64 18.99
C ALA A 29 3.55 -41.28 18.26
N ASP A 30 3.27 -41.75 17.05
CA ASP A 30 4.30 -42.35 16.23
C ASP A 30 5.21 -41.27 15.65
N ILE A 31 4.75 -40.03 15.69
CA ILE A 31 5.49 -38.87 15.18
C ILE A 31 6.12 -38.09 16.31
N ASP A 32 7.28 -37.49 16.03
CA ASP A 32 8.01 -36.67 16.99
C ASP A 32 7.83 -35.22 16.55
N PRO A 33 7.37 -34.36 17.46
CA PRO A 33 7.16 -32.95 17.13
C PRO A 33 8.45 -32.20 16.90
N VAL A 34 8.61 -31.70 15.68
CA VAL A 34 9.78 -30.95 15.31
C VAL A 34 9.51 -29.52 15.69
N PRO A 35 10.28 -29.00 16.66
CA PRO A 35 10.20 -27.63 17.19
C PRO A 35 10.84 -26.60 16.30
N GLN A 36 10.46 -25.33 16.49
CA GLN A 36 11.04 -24.28 15.68
C GLN A 36 12.49 -24.02 16.11
N ASN A 37 13.35 -23.82 15.12
CA ASN A 37 14.76 -23.54 15.34
C ASN A 37 15.05 -22.07 15.01
N ASP A 38 14.95 -21.23 16.04
CA ASP A 38 15.20 -19.79 15.91
C ASP A 38 16.64 -19.43 16.18
N GLY A 39 17.45 -20.45 16.46
CA GLY A 39 18.85 -20.24 16.73
C GLY A 39 19.15 -19.88 18.17
N PRO A 40 20.31 -20.31 18.68
CA PRO A 40 20.82 -20.10 20.03
C PRO A 40 20.63 -18.68 20.62
N SER A 41 20.44 -17.70 19.76
CA SER A 41 20.24 -16.34 20.23
C SER A 41 19.13 -15.74 19.35
N PRO A 42 17.87 -15.86 19.79
CA PRO A 42 16.68 -15.36 19.11
C PRO A 42 16.54 -13.85 19.01
N VAL A 43 15.80 -13.44 17.98
CA VAL A 43 15.48 -12.04 17.71
C VAL A 43 14.01 -12.07 17.31
N VAL A 44 13.29 -10.95 17.48
CA VAL A 44 11.85 -10.84 17.21
C VAL A 44 11.21 -12.21 17.39
N GLN A 45 11.44 -12.75 18.57
CA GLN A 45 10.99 -14.08 18.97
C GLN A 45 9.61 -14.04 19.63
N ILE A 46 8.64 -14.71 19.02
CA ILE A 46 7.26 -14.74 19.50
C ILE A 46 7.07 -15.79 20.59
N ILE A 47 6.40 -15.41 21.70
CA ILE A 47 6.12 -16.32 22.82
C ILE A 47 4.78 -16.95 22.50
N TYR A 48 4.85 -18.06 21.78
CA TYR A 48 3.64 -18.74 21.37
C TYR A 48 3.00 -19.35 22.56
N SER A 49 1.71 -19.62 22.42
CA SER A 49 0.93 -20.26 23.45
C SER A 49 1.29 -21.73 23.37
N GLU A 50 0.97 -22.50 24.40
CA GLU A 50 1.29 -23.92 24.37
C GLU A 50 0.56 -24.57 23.22
N LYS A 51 -0.61 -24.01 22.91
CA LYS A 51 -1.46 -24.54 21.85
C LYS A 51 -0.95 -24.23 20.46
N PHE A 52 -0.45 -23.01 20.26
CA PHE A 52 0.11 -22.57 18.97
C PHE A 52 1.37 -23.36 18.70
N ARG A 53 2.25 -23.44 19.70
CA ARG A 53 3.48 -24.20 19.59
C ARG A 53 3.20 -25.66 19.34
N ASP A 54 2.19 -26.20 20.00
CA ASP A 54 1.88 -27.62 19.84
C ASP A 54 1.53 -28.02 18.38
N VAL A 55 0.52 -27.36 17.80
CA VAL A 55 0.08 -27.61 16.42
C VAL A 55 1.24 -27.45 15.43
N TYR A 56 1.98 -26.36 15.57
CA TYR A 56 3.11 -26.11 14.69
C TYR A 56 4.32 -27.05 14.81
N ASP A 57 4.62 -27.54 16.02
CA ASP A 57 5.74 -28.48 16.22
C ASP A 57 5.37 -29.72 15.42
N TYR A 58 4.08 -30.01 15.41
CA TYR A 58 3.56 -31.14 14.67
C TYR A 58 3.48 -30.82 13.21
N PHE A 59 3.29 -29.54 12.84
CA PHE A 59 3.27 -29.19 11.41
C PHE A 59 4.69 -29.33 10.81
N ARG A 60 5.68 -28.79 11.52
CA ARG A 60 7.07 -28.87 11.08
C ARG A 60 7.46 -30.30 10.74
N ALA A 61 6.92 -31.24 11.51
CA ALA A 61 7.22 -32.66 11.36
C ALA A 61 6.54 -33.35 10.18
N VAL A 62 5.23 -33.17 10.08
CA VAL A 62 4.42 -33.77 9.00
C VAL A 62 4.95 -33.23 7.66
N LEU A 63 5.24 -31.93 7.65
CA LEU A 63 5.74 -31.26 6.48
C LEU A 63 7.12 -31.80 6.20
N GLN A 64 7.97 -31.76 7.22
CA GLN A 64 9.34 -32.24 7.12
C GLN A 64 9.38 -33.68 6.60
N ARG A 65 8.39 -34.48 6.98
CA ARG A 65 8.30 -35.85 6.53
C ARG A 65 7.66 -35.86 5.16
N ASP A 66 6.93 -34.79 4.86
CA ASP A 66 6.17 -34.67 3.62
C ASP A 66 5.11 -35.75 3.70
N GLU A 67 4.62 -35.95 4.91
CA GLU A 67 3.58 -36.92 5.15
C GLU A 67 2.33 -36.32 4.51
N ARG A 68 1.90 -36.89 3.38
CA ARG A 68 0.75 -36.39 2.66
C ARG A 68 -0.43 -37.25 3.04
N SER A 69 -0.84 -37.08 4.29
CA SER A 69 -1.91 -37.86 4.88
C SER A 69 -3.12 -37.08 5.26
N GLU A 70 -4.16 -37.84 5.56
CA GLU A 70 -5.42 -37.29 5.98
C GLU A 70 -5.29 -36.60 7.33
N ARG A 71 -4.49 -37.16 8.22
CA ARG A 71 -4.32 -36.52 9.50
C ARG A 71 -3.52 -35.23 9.32
N ALA A 72 -2.61 -35.24 8.36
CA ALA A 72 -1.79 -34.07 8.09
C ALA A 72 -2.73 -32.98 7.59
N PHE A 73 -3.69 -33.39 6.76
CA PHE A 73 -4.70 -32.52 6.17
C PHE A 73 -5.51 -31.81 7.25
N LYS A 74 -6.07 -32.59 8.16
CA LYS A 74 -6.86 -32.05 9.22
C LYS A 74 -6.04 -31.11 10.08
N LEU A 75 -4.73 -31.32 10.15
CA LEU A 75 -3.86 -30.46 10.98
C LEU A 75 -3.54 -29.09 10.39
N THR A 76 -3.45 -29.02 9.06
CA THR A 76 -3.16 -27.75 8.43
C THR A 76 -4.31 -26.82 8.77
N ARG A 77 -5.48 -27.41 8.92
CA ARG A 77 -6.70 -26.70 9.23
C ARG A 77 -6.53 -25.96 10.52
N ASP A 78 -5.93 -26.62 11.50
CA ASP A 78 -5.73 -26.01 12.81
C ASP A 78 -4.59 -25.02 12.70
N ALA A 79 -3.56 -25.37 11.92
CA ALA A 79 -2.39 -24.50 11.72
C ALA A 79 -2.80 -23.21 11.02
N ILE A 80 -3.80 -23.30 10.16
CA ILE A 80 -4.31 -22.16 9.40
C ILE A 80 -5.15 -21.31 10.32
N GLU A 81 -5.88 -21.94 11.23
CA GLU A 81 -6.71 -21.17 12.15
C GLU A 81 -5.86 -20.42 13.17
N LEU A 82 -4.69 -20.96 13.51
CA LEU A 82 -3.79 -20.31 14.45
C LEU A 82 -3.08 -19.14 13.77
N ASN A 83 -2.79 -19.26 12.47
CA ASN A 83 -2.18 -18.17 11.69
C ASN A 83 -2.55 -18.32 10.23
N ALA A 84 -3.70 -17.75 9.85
CA ALA A 84 -4.19 -17.88 8.47
C ALA A 84 -3.25 -17.29 7.44
N ALA A 85 -2.36 -16.41 7.90
CA ALA A 85 -1.40 -15.75 7.04
C ALA A 85 -0.15 -16.59 6.76
N ASN A 86 -0.15 -17.83 7.26
CA ASN A 86 0.99 -18.70 7.02
C ASN A 86 0.80 -19.35 5.67
N TYR A 87 1.43 -18.73 4.66
CA TYR A 87 1.40 -19.17 3.27
C TYR A 87 2.04 -20.55 2.99
N THR A 88 2.99 -20.98 3.83
CA THR A 88 3.67 -22.28 3.68
C THR A 88 2.68 -23.40 3.96
N VAL A 89 1.88 -23.21 5.01
CA VAL A 89 0.86 -24.17 5.39
C VAL A 89 -0.19 -24.20 4.33
N TRP A 90 -0.57 -23.03 3.82
CA TRP A 90 -1.56 -22.98 2.75
C TRP A 90 -1.09 -23.72 1.49
N HIS A 91 0.22 -23.75 1.27
CA HIS A 91 0.80 -24.41 0.12
C HIS A 91 0.72 -25.92 0.29
N PHE A 92 1.23 -26.41 1.41
CA PHE A 92 1.19 -27.84 1.73
C PHE A 92 -0.27 -28.33 1.71
N ARG A 93 -1.22 -27.47 2.08
CA ARG A 93 -2.63 -27.90 2.04
C ARG A 93 -3.12 -28.10 0.62
N ARG A 94 -2.62 -27.30 -0.33
CA ARG A 94 -3.06 -27.47 -1.71
C ARG A 94 -2.49 -28.75 -2.27
N VAL A 95 -1.29 -29.10 -1.82
CA VAL A 95 -0.62 -30.33 -2.22
C VAL A 95 -1.47 -31.50 -1.74
N LEU A 96 -1.90 -31.44 -0.48
CA LEU A 96 -2.73 -32.49 0.07
C LEU A 96 -4.05 -32.54 -0.67
N LEU A 97 -4.52 -31.39 -1.15
CA LEU A 97 -5.77 -31.39 -1.87
C LEU A 97 -5.67 -32.22 -3.14
N ARG A 98 -4.53 -32.11 -3.81
CA ARG A 98 -4.30 -32.84 -5.06
C ARG A 98 -3.97 -34.30 -4.75
N SER A 99 -3.00 -34.51 -3.88
CA SER A 99 -2.56 -35.82 -3.51
C SER A 99 -3.69 -36.67 -2.96
N LEU A 100 -4.22 -36.31 -1.79
CA LEU A 100 -5.30 -37.07 -1.20
C LEU A 100 -6.54 -37.04 -2.08
N GLN A 101 -6.49 -36.28 -3.18
CA GLN A 101 -7.64 -36.17 -4.07
C GLN A 101 -8.86 -35.82 -3.24
N LYS A 102 -8.88 -34.59 -2.71
CA LYS A 102 -9.99 -34.12 -1.89
C LYS A 102 -11.12 -33.49 -2.70
N ASP A 103 -12.34 -33.55 -2.16
CA ASP A 103 -13.50 -32.94 -2.83
C ASP A 103 -13.26 -31.44 -2.71
N LEU A 104 -13.00 -30.82 -3.86
CA LEU A 104 -12.73 -29.40 -3.88
C LEU A 104 -13.93 -28.54 -3.55
N GLN A 105 -15.14 -28.96 -3.92
CA GLN A 105 -16.34 -28.15 -3.63
C GLN A 105 -16.53 -28.04 -2.13
N GLU A 106 -16.14 -29.10 -1.45
CA GLU A 106 -16.21 -29.18 -0.02
C GLU A 106 -15.15 -28.18 0.47
N GLU A 107 -14.03 -28.09 -0.24
CA GLU A 107 -12.99 -27.15 0.12
C GLU A 107 -13.39 -25.70 -0.19
N MET A 108 -14.24 -25.52 -1.21
CA MET A 108 -14.71 -24.19 -1.59
C MET A 108 -15.50 -23.65 -0.40
N ASN A 109 -16.23 -24.53 0.26
CA ASN A 109 -17.02 -24.13 1.44
C ASN A 109 -16.13 -23.70 2.59
N TYR A 110 -15.04 -24.43 2.78
CA TYR A 110 -14.07 -24.15 3.82
C TYR A 110 -13.52 -22.75 3.61
N ILE A 111 -12.87 -22.53 2.47
CA ILE A 111 -12.30 -21.22 2.12
C ILE A 111 -13.38 -20.12 2.15
N THR A 112 -14.64 -20.45 1.86
CA THR A 112 -15.72 -19.47 1.90
C THR A 112 -15.89 -18.96 3.30
N ALA A 113 -15.90 -19.86 4.27
CA ALA A 113 -16.05 -19.49 5.68
C ALA A 113 -14.85 -18.72 6.22
N ILE A 114 -13.65 -19.19 5.84
CA ILE A 114 -12.38 -18.59 6.26
C ILE A 114 -12.23 -17.17 5.78
N ILE A 115 -12.65 -16.91 4.54
CA ILE A 115 -12.57 -15.57 3.97
C ILE A 115 -13.57 -14.69 4.69
N GLU A 116 -14.73 -15.23 5.07
CA GLU A 116 -15.73 -14.42 5.77
C GLU A 116 -15.10 -13.92 7.04
N GLU A 117 -14.19 -14.74 7.57
CA GLU A 117 -13.51 -14.43 8.81
C GLU A 117 -12.33 -13.49 8.70
N GLN A 118 -11.55 -13.63 7.64
CA GLN A 118 -10.35 -12.84 7.38
C GLN A 118 -10.39 -12.39 5.91
N PRO A 119 -11.33 -11.49 5.56
CA PRO A 119 -11.50 -10.99 4.18
C PRO A 119 -10.38 -10.10 3.65
N LYS A 120 -9.37 -9.85 4.49
CA LYS A 120 -8.25 -9.01 4.13
C LYS A 120 -6.93 -9.76 4.14
N ASN A 121 -7.05 -11.08 4.15
CA ASN A 121 -5.92 -11.96 4.14
C ASN A 121 -5.64 -12.26 2.68
N TYR A 122 -4.37 -12.21 2.32
CA TYR A 122 -3.95 -12.45 0.95
C TYR A 122 -4.02 -13.91 0.50
N GLN A 123 -3.70 -14.83 1.42
CA GLN A 123 -3.65 -16.26 1.10
C GLN A 123 -4.97 -16.93 0.80
N VAL A 124 -5.98 -16.52 1.56
CA VAL A 124 -7.34 -17.05 1.48
C VAL A 124 -7.96 -16.72 0.14
N TRP A 125 -7.74 -15.50 -0.37
CA TRP A 125 -8.32 -15.12 -1.65
C TRP A 125 -7.64 -15.85 -2.77
N HIS A 126 -6.32 -15.94 -2.67
CA HIS A 126 -5.56 -16.66 -3.67
C HIS A 126 -5.88 -18.15 -3.70
N HIS A 127 -6.11 -18.75 -2.53
CA HIS A 127 -6.42 -20.16 -2.43
C HIS A 127 -7.76 -20.40 -3.12
N ARG A 128 -8.70 -19.49 -2.93
CA ARG A 128 -10.01 -19.59 -3.53
C ARG A 128 -9.91 -19.53 -5.06
N ARG A 129 -9.05 -18.63 -5.54
CA ARG A 129 -8.84 -18.43 -6.97
C ARG A 129 -8.26 -19.70 -7.58
N VAL A 130 -7.40 -20.40 -6.83
CA VAL A 130 -6.78 -21.64 -7.29
C VAL A 130 -7.83 -22.73 -7.43
N LEU A 131 -8.72 -22.83 -6.46
CA LEU A 131 -9.80 -23.83 -6.52
C LEU A 131 -10.74 -23.60 -7.72
N VAL A 132 -11.16 -22.35 -7.92
CA VAL A 132 -12.06 -21.98 -9.02
C VAL A 132 -11.39 -22.31 -10.35
N GLU A 133 -10.08 -22.17 -10.40
CA GLU A 133 -9.36 -22.48 -11.61
C GLU A 133 -9.34 -24.00 -11.80
N TRP A 134 -9.07 -24.73 -10.72
CA TRP A 134 -9.02 -26.18 -10.78
C TRP A 134 -10.34 -26.72 -11.25
N LEU A 135 -11.41 -26.13 -10.71
CA LEU A 135 -12.75 -26.56 -11.03
C LEU A 135 -13.28 -25.93 -12.30
N LYS A 136 -12.71 -24.82 -12.74
CA LYS A 136 -13.21 -24.11 -13.93
C LYS A 136 -14.70 -23.76 -13.68
N ASP A 137 -15.01 -23.38 -12.44
CA ASP A 137 -16.38 -23.07 -12.04
C ASP A 137 -16.47 -21.70 -11.35
N PRO A 138 -16.97 -20.69 -12.06
CA PRO A 138 -17.09 -19.34 -11.50
C PRO A 138 -18.51 -19.05 -11.06
N SER A 139 -19.31 -20.10 -11.00
CA SER A 139 -20.72 -20.02 -10.66
C SER A 139 -21.13 -19.53 -9.29
N GLN A 140 -20.24 -19.60 -8.32
CA GLN A 140 -20.57 -19.13 -6.96
C GLN A 140 -19.95 -17.77 -6.63
N GLU A 141 -19.00 -17.36 -7.47
CA GLU A 141 -18.23 -16.15 -7.28
C GLU A 141 -18.87 -14.80 -7.08
N LEU A 142 -19.62 -14.33 -8.05
CA LEU A 142 -20.24 -13.02 -7.93
C LEU A 142 -21.17 -12.90 -6.73
N GLU A 143 -21.76 -14.02 -6.32
CA GLU A 143 -22.68 -14.05 -5.18
C GLU A 143 -21.90 -14.06 -3.87
N PHE A 144 -20.77 -14.74 -3.85
CA PHE A 144 -19.95 -14.78 -2.65
C PHE A 144 -19.34 -13.41 -2.42
N ILE A 145 -18.70 -12.89 -3.47
CA ILE A 145 -18.06 -11.57 -3.44
C ILE A 145 -19.05 -10.52 -2.96
N ALA A 146 -20.22 -10.46 -3.60
CA ALA A 146 -21.24 -9.49 -3.22
C ALA A 146 -21.60 -9.61 -1.74
N ASP A 147 -21.45 -10.80 -1.15
CA ASP A 147 -21.76 -10.95 0.26
C ASP A 147 -20.63 -10.32 1.08
N ILE A 148 -19.39 -10.46 0.60
CA ILE A 148 -18.27 -9.87 1.30
C ILE A 148 -18.35 -8.34 1.14
N LEU A 149 -18.68 -7.87 -0.05
CA LEU A 149 -18.79 -6.44 -0.32
C LEU A 149 -20.01 -5.87 0.36
N ASN A 150 -20.81 -6.75 0.95
CA ASN A 150 -22.00 -6.32 1.67
C ASN A 150 -21.58 -5.99 3.10
N GLN A 151 -20.49 -6.61 3.54
CA GLN A 151 -19.93 -6.38 4.87
C GLN A 151 -18.91 -5.25 4.82
N ASP A 152 -18.30 -5.06 3.66
CA ASP A 152 -17.30 -4.02 3.48
C ASP A 152 -17.27 -3.71 1.99
N ALA A 153 -18.02 -2.71 1.60
CA ALA A 153 -18.14 -2.31 0.21
C ALA A 153 -16.86 -1.87 -0.51
N LYS A 154 -15.73 -1.94 0.17
CA LYS A 154 -14.47 -1.52 -0.43
C LYS A 154 -13.34 -2.49 -0.18
N ASN A 155 -13.65 -3.73 0.14
CA ASN A 155 -12.59 -4.70 0.36
C ASN A 155 -11.83 -4.78 -0.97
N TYR A 156 -10.55 -4.42 -0.97
CA TYR A 156 -9.69 -4.41 -2.18
C TYR A 156 -9.56 -5.79 -2.76
N HIS A 157 -9.33 -6.78 -1.91
CA HIS A 157 -9.20 -8.17 -2.34
C HIS A 157 -10.49 -8.68 -3.01
N ALA A 158 -11.65 -8.33 -2.46
CA ALA A 158 -12.96 -8.72 -3.01
C ALA A 158 -13.17 -8.12 -4.40
N TRP A 159 -12.88 -6.83 -4.57
CA TRP A 159 -13.03 -6.20 -5.89
C TRP A 159 -12.06 -6.76 -6.93
N GLN A 160 -10.82 -7.01 -6.49
CA GLN A 160 -9.78 -7.57 -7.36
C GLN A 160 -10.12 -8.99 -7.78
N HIS A 161 -10.58 -9.80 -6.83
CA HIS A 161 -10.99 -11.15 -7.14
C HIS A 161 -12.17 -11.08 -8.10
N ARG A 162 -13.08 -10.14 -7.87
CA ARG A 162 -14.27 -9.96 -8.70
C ARG A 162 -13.89 -9.67 -10.15
N GLN A 163 -12.96 -8.74 -10.36
CA GLN A 163 -12.52 -8.38 -11.70
C GLN A 163 -11.90 -9.57 -12.43
N TRP A 164 -11.28 -10.46 -11.68
CA TRP A 164 -10.67 -11.63 -12.26
C TRP A 164 -11.76 -12.60 -12.71
N VAL A 165 -12.79 -12.85 -11.89
CA VAL A 165 -13.86 -13.78 -12.27
C VAL A 165 -14.62 -13.29 -13.51
N ILE A 166 -14.84 -11.98 -13.60
CA ILE A 166 -15.53 -11.34 -14.71
C ILE A 166 -14.67 -11.39 -15.95
N GLN A 167 -13.42 -11.00 -15.82
CA GLN A 167 -12.52 -11.01 -16.95
C GLN A 167 -12.34 -12.42 -17.51
N GLU A 168 -11.75 -13.31 -16.74
CA GLU A 168 -11.51 -14.69 -17.15
C GLU A 168 -12.71 -15.45 -17.68
N PHE A 169 -13.80 -15.43 -16.94
CA PHE A 169 -14.98 -16.15 -17.34
C PHE A 169 -15.93 -15.34 -18.19
N ARG A 170 -15.50 -14.14 -18.55
CA ARG A 170 -16.31 -13.27 -19.39
C ARG A 170 -17.73 -13.11 -18.86
N LEU A 171 -17.86 -12.77 -17.58
CA LEU A 171 -19.17 -12.58 -16.93
C LEU A 171 -19.55 -11.09 -16.76
N TRP A 172 -19.55 -10.38 -17.89
CA TRP A 172 -19.83 -8.94 -17.91
C TRP A 172 -21.27 -8.42 -17.91
N ASP A 173 -22.19 -9.23 -18.42
CA ASP A 173 -23.57 -8.79 -18.57
C ASP A 173 -24.33 -8.04 -17.49
N ASN A 174 -24.25 -8.49 -16.25
CA ASN A 174 -25.00 -7.82 -15.21
C ASN A 174 -24.20 -7.00 -14.22
N GLU A 175 -22.92 -6.78 -14.49
CA GLU A 175 -22.08 -6.01 -13.56
C GLU A 175 -22.33 -4.50 -13.52
N LEU A 176 -22.75 -3.90 -14.63
CA LEU A 176 -23.00 -2.49 -14.59
C LEU A 176 -24.23 -2.23 -13.76
N GLN A 177 -25.18 -3.17 -13.77
CA GLN A 177 -26.40 -3.06 -12.98
C GLN A 177 -26.05 -3.12 -11.50
N TYR A 178 -25.02 -3.90 -11.17
CA TYR A 178 -24.53 -4.09 -9.81
C TYR A 178 -23.85 -2.81 -9.32
N VAL A 179 -22.99 -2.27 -10.17
CA VAL A 179 -22.26 -1.02 -9.91
C VAL A 179 -23.25 0.09 -9.60
N ASP A 180 -24.29 0.19 -10.42
CA ASP A 180 -25.35 1.19 -10.22
C ASP A 180 -26.04 1.00 -8.84
N GLN A 181 -26.23 -0.25 -8.46
CA GLN A 181 -26.86 -0.60 -7.19
C GLN A 181 -25.99 -0.05 -6.05
N LEU A 182 -24.71 -0.42 -6.07
CA LEU A 182 -23.80 0.02 -5.05
C LEU A 182 -23.57 1.51 -5.07
N LEU A 183 -23.66 2.13 -6.25
CA LEU A 183 -23.49 3.60 -6.32
C LEU A 183 -24.71 4.28 -5.73
N LYS A 184 -25.81 3.54 -5.63
CA LYS A 184 -27.02 4.08 -5.03
C LYS A 184 -26.84 4.01 -3.53
N GLU A 185 -26.12 2.99 -3.06
CA GLU A 185 -25.88 2.82 -1.64
C GLU A 185 -24.87 3.82 -1.05
N ASP A 186 -23.80 4.10 -1.80
CA ASP A 186 -22.76 5.04 -1.37
C ASP A 186 -22.11 5.63 -2.63
N VAL A 187 -22.64 6.76 -3.07
CA VAL A 187 -22.12 7.41 -4.27
C VAL A 187 -20.66 7.84 -4.09
N ARG A 188 -20.18 7.81 -2.86
CA ARG A 188 -18.80 8.17 -2.63
C ARG A 188 -17.93 6.91 -2.66
N ASN A 189 -18.46 5.76 -3.12
CA ASN A 189 -17.67 4.52 -3.11
C ASN A 189 -16.77 4.44 -4.30
N ASN A 190 -15.54 4.92 -4.14
CA ASN A 190 -14.54 4.95 -5.23
C ASN A 190 -14.26 3.58 -5.89
N SER A 191 -14.49 2.49 -5.16
CA SER A 191 -14.26 1.15 -5.68
C SER A 191 -15.29 0.85 -6.77
N VAL A 192 -16.48 1.41 -6.58
CA VAL A 192 -17.58 1.23 -7.51
C VAL A 192 -17.40 2.15 -8.72
N TRP A 193 -16.90 3.37 -8.50
CA TRP A 193 -16.65 4.28 -9.62
C TRP A 193 -15.60 3.65 -10.50
N ASN A 194 -14.59 3.06 -9.86
CA ASN A 194 -13.54 2.38 -10.60
C ASN A 194 -14.12 1.17 -11.34
N GLN A 195 -15.00 0.42 -10.69
CA GLN A 195 -15.60 -0.78 -11.29
C GLN A 195 -16.45 -0.47 -12.51
N ARG A 196 -17.10 0.69 -12.45
CA ARG A 196 -17.95 1.18 -13.54
C ARG A 196 -17.06 1.48 -14.74
N HIS A 197 -15.85 1.95 -14.50
CA HIS A 197 -14.93 2.26 -15.56
C HIS A 197 -14.39 0.95 -16.11
N PHE A 198 -14.08 0.02 -15.21
CA PHE A 198 -13.54 -1.29 -15.58
C PHE A 198 -14.51 -1.96 -16.52
N VAL A 199 -15.77 -1.95 -16.11
CA VAL A 199 -16.82 -2.55 -16.88
C VAL A 199 -17.09 -1.89 -18.24
N ILE A 200 -17.41 -0.60 -18.25
CA ILE A 200 -17.71 0.09 -19.50
C ILE A 200 -16.54 0.03 -20.46
N SER A 201 -15.36 0.34 -19.96
CA SER A 201 -14.19 0.33 -20.82
C SER A 201 -13.84 -1.05 -21.37
N ASN A 202 -14.37 -2.11 -20.79
CA ASN A 202 -14.08 -3.46 -21.30
C ASN A 202 -15.22 -4.06 -22.10
N THR A 203 -16.36 -3.39 -22.06
CA THR A 203 -17.53 -3.86 -22.80
C THR A 203 -17.81 -2.98 -24.01
N THR A 204 -18.23 -1.74 -23.80
CA THR A 204 -18.53 -0.86 -24.93
C THR A 204 -17.47 0.17 -25.22
N GLY A 205 -16.80 0.65 -24.18
CA GLY A 205 -15.80 1.69 -24.37
C GLY A 205 -16.53 3.01 -24.23
N TYR A 206 -15.77 4.10 -24.16
CA TYR A 206 -16.34 5.44 -24.02
C TYR A 206 -16.26 6.21 -25.32
N SER A 207 -15.91 5.53 -26.40
CA SER A 207 -15.82 6.15 -27.70
C SER A 207 -17.22 6.35 -28.25
N ASP A 208 -18.14 5.47 -27.90
CA ASP A 208 -19.52 5.59 -28.37
C ASP A 208 -20.18 6.86 -27.80
N ARG A 209 -20.45 7.81 -28.68
CA ARG A 209 -21.07 9.11 -28.35
C ARG A 209 -22.23 9.03 -27.38
N ALA A 210 -23.11 8.06 -27.60
CA ALA A 210 -24.29 7.89 -26.75
C ALA A 210 -23.85 7.50 -25.37
N VAL A 211 -22.88 6.57 -25.32
CA VAL A 211 -22.33 6.08 -24.07
C VAL A 211 -21.62 7.21 -23.36
N LEU A 212 -20.72 7.89 -24.08
CA LEU A 212 -19.99 9.01 -23.50
C LEU A 212 -20.98 10.01 -22.90
N GLU A 213 -21.97 10.42 -23.68
CA GLU A 213 -23.00 11.36 -23.23
C GLU A 213 -23.74 10.86 -22.00
N ARG A 214 -24.21 9.61 -22.06
CA ARG A 214 -24.94 9.01 -20.94
C ARG A 214 -24.09 9.10 -19.68
N GLU A 215 -22.80 8.83 -19.82
CA GLU A 215 -21.86 8.84 -18.70
C GLU A 215 -21.65 10.21 -18.11
N VAL A 216 -21.26 11.16 -18.95
CA VAL A 216 -21.02 12.55 -18.51
C VAL A 216 -22.28 13.14 -17.89
N GLN A 217 -23.43 12.77 -18.43
CA GLN A 217 -24.71 13.26 -17.93
C GLN A 217 -24.95 12.76 -16.52
N TYR A 218 -24.86 11.45 -16.37
CA TYR A 218 -25.02 10.77 -15.09
C TYR A 218 -24.03 11.31 -14.07
N THR A 219 -22.80 11.55 -14.51
CA THR A 219 -21.75 12.02 -13.63
C THR A 219 -21.97 13.47 -13.28
N LEU A 220 -22.45 14.25 -14.24
CA LEU A 220 -22.70 15.66 -13.95
C LEU A 220 -23.84 15.70 -12.95
N GLU A 221 -24.69 14.69 -12.99
CA GLU A 221 -25.80 14.57 -12.04
C GLU A 221 -25.26 14.34 -10.62
N MET A 222 -24.48 13.27 -10.44
CA MET A 222 -23.91 12.92 -9.14
C MET A 222 -23.07 14.06 -8.57
N ILE A 223 -22.57 14.92 -9.45
CA ILE A 223 -21.78 16.08 -9.04
C ILE A 223 -22.76 17.16 -8.58
N LYS A 224 -23.77 17.41 -9.40
CA LYS A 224 -24.78 18.40 -9.06
C LYS A 224 -25.79 17.70 -8.17
N LEU A 225 -25.29 17.05 -7.12
CA LEU A 225 -26.11 16.32 -6.15
C LEU A 225 -25.27 16.21 -4.88
N VAL A 226 -23.99 15.85 -5.04
CA VAL A 226 -23.05 15.76 -3.93
C VAL A 226 -21.76 16.45 -4.43
N PRO A 227 -21.83 17.76 -4.77
CA PRO A 227 -20.72 18.57 -5.29
C PRO A 227 -19.35 18.39 -4.66
N HIS A 228 -19.30 17.98 -3.40
CA HIS A 228 -18.02 17.79 -2.74
C HIS A 228 -17.50 16.34 -2.70
N ASN A 229 -18.19 15.46 -3.44
CA ASN A 229 -17.81 14.06 -3.55
C ASN A 229 -16.78 14.03 -4.66
N GLU A 230 -15.54 13.75 -4.28
CA GLU A 230 -14.44 13.73 -5.21
C GLU A 230 -14.44 12.67 -6.32
N SER A 231 -14.89 11.46 -6.01
CA SER A 231 -14.94 10.36 -6.99
C SER A 231 -15.62 10.68 -8.32
N ALA A 232 -16.82 11.26 -8.25
CA ALA A 232 -17.59 11.64 -9.45
C ALA A 232 -16.79 12.62 -10.29
N TRP A 233 -16.03 13.49 -9.63
CA TRP A 233 -15.18 14.48 -10.30
C TRP A 233 -14.01 13.84 -11.02
N ASN A 234 -13.34 12.90 -10.34
CA ASN A 234 -12.20 12.18 -10.90
C ASN A 234 -12.66 11.22 -11.99
N TYR A 235 -13.91 10.79 -11.92
CA TYR A 235 -14.48 9.92 -12.94
C TYR A 235 -14.77 10.76 -14.20
N LEU A 236 -15.57 11.82 -14.07
CA LEU A 236 -15.90 12.72 -15.20
C LEU A 236 -14.63 13.22 -15.92
N LYS A 237 -13.63 13.57 -15.13
CA LYS A 237 -12.35 14.04 -15.64
C LYS A 237 -11.68 12.88 -16.36
N GLY A 238 -11.75 11.71 -15.73
CA GLY A 238 -11.14 10.54 -16.30
C GLY A 238 -11.70 10.08 -17.62
N ILE A 239 -13.02 10.12 -17.78
CA ILE A 239 -13.62 9.67 -19.02
C ILE A 239 -13.50 10.67 -20.17
N LEU A 240 -13.26 11.94 -19.87
CA LEU A 240 -13.14 12.99 -20.92
C LEU A 240 -11.71 13.38 -21.21
N GLN A 241 -10.90 13.51 -20.15
CA GLN A 241 -9.50 13.89 -20.27
C GLN A 241 -8.73 12.98 -21.25
N ASP A 242 -9.37 11.90 -21.64
CA ASP A 242 -8.72 11.03 -22.59
C ASP A 242 -9.36 11.27 -23.95
N ARG A 243 -9.23 12.51 -24.42
CA ARG A 243 -9.72 12.97 -25.72
C ARG A 243 -9.64 14.49 -25.77
N GLY A 244 -9.38 15.11 -24.63
CA GLY A 244 -9.26 16.54 -24.58
C GLY A 244 -10.51 17.17 -24.03
N LEU A 245 -10.39 17.78 -22.86
CA LEU A 245 -11.52 18.45 -22.25
C LEU A 245 -11.93 19.61 -23.16
N SER A 246 -10.94 20.20 -23.83
CA SER A 246 -11.18 21.32 -24.73
C SER A 246 -11.88 20.96 -26.04
N ARG A 247 -12.11 19.68 -26.29
CA ARG A 247 -12.83 19.26 -27.50
C ARG A 247 -14.32 19.24 -27.16
N TYR A 248 -14.63 19.72 -25.96
CA TYR A 248 -15.99 19.80 -25.40
C TYR A 248 -16.25 21.24 -24.95
N PRO A 249 -16.71 22.08 -25.90
CA PRO A 249 -17.02 23.50 -25.69
C PRO A 249 -18.02 23.77 -24.58
N ASN A 250 -19.14 23.05 -24.63
CA ASN A 250 -20.20 23.19 -23.64
C ASN A 250 -19.69 22.96 -22.22
N LEU A 251 -18.68 22.10 -22.10
CA LEU A 251 -18.10 21.75 -20.81
C LEU A 251 -17.85 22.97 -19.94
N LEU A 252 -16.87 23.80 -20.32
CA LEU A 252 -16.51 25.00 -19.54
C LEU A 252 -17.73 25.77 -19.04
N ASN A 253 -18.77 25.84 -19.87
CA ASN A 253 -19.98 26.55 -19.50
C ASN A 253 -20.75 25.90 -18.37
N GLN A 254 -21.32 24.73 -18.61
CA GLN A 254 -22.08 24.01 -17.61
C GLN A 254 -21.34 24.00 -16.27
N LEU A 255 -20.02 23.80 -16.30
CA LEU A 255 -19.24 23.78 -15.07
C LEU A 255 -19.18 25.16 -14.45
N LEU A 256 -19.09 26.17 -15.29
CA LEU A 256 -19.03 27.56 -14.86
C LEU A 256 -20.37 27.93 -14.23
N ASP A 257 -21.42 27.25 -14.66
CA ASP A 257 -22.76 27.48 -14.14
C ASP A 257 -22.85 27.02 -12.69
N LEU A 258 -22.10 25.97 -12.35
CA LEU A 258 -22.08 25.42 -11.00
C LEU A 258 -21.25 26.22 -10.01
N GLN A 259 -20.56 27.25 -10.49
CA GLN A 259 -19.74 28.10 -9.64
C GLN A 259 -20.35 28.57 -8.30
N PRO A 260 -21.64 28.99 -8.31
CA PRO A 260 -22.25 29.42 -7.04
C PRO A 260 -23.26 28.43 -6.48
N SER A 261 -23.73 27.51 -7.33
CA SER A 261 -24.73 26.50 -6.95
C SER A 261 -24.18 25.14 -6.53
N HIS A 262 -22.97 24.79 -7.00
CA HIS A 262 -22.36 23.50 -6.66
C HIS A 262 -20.83 23.57 -6.61
N SER A 263 -20.31 24.63 -5.99
CA SER A 263 -18.87 24.83 -5.91
C SER A 263 -18.07 24.17 -4.78
N SER A 264 -16.88 23.76 -5.16
CA SER A 264 -15.90 23.09 -4.31
C SER A 264 -14.58 23.34 -5.01
N PRO A 265 -13.46 23.08 -4.34
CA PRO A 265 -12.18 23.31 -5.04
C PRO A 265 -11.98 22.34 -6.21
N TYR A 266 -12.98 21.47 -6.42
CA TYR A 266 -12.99 20.49 -7.51
C TYR A 266 -13.46 21.15 -8.79
N LEU A 267 -14.41 22.08 -8.66
CA LEU A 267 -14.95 22.81 -9.81
C LEU A 267 -13.79 23.65 -10.33
N ILE A 268 -13.13 24.34 -9.40
CA ILE A 268 -11.98 25.21 -9.70
C ILE A 268 -10.82 24.41 -10.28
N ALA A 269 -10.57 23.25 -9.72
CA ALA A 269 -9.49 22.43 -10.20
C ALA A 269 -9.83 21.85 -11.58
N PHE A 270 -11.10 21.58 -11.85
CA PHE A 270 -11.48 21.04 -13.15
C PHE A 270 -11.32 22.13 -14.19
N LEU A 271 -11.75 23.34 -13.83
CA LEU A 271 -11.64 24.48 -14.73
C LEU A 271 -10.16 24.71 -15.01
N VAL A 272 -9.31 24.63 -13.99
CA VAL A 272 -7.89 24.81 -14.22
C VAL A 272 -7.39 23.73 -15.18
N ASP A 273 -8.09 22.60 -15.24
CA ASP A 273 -7.73 21.50 -16.14
C ASP A 273 -8.25 21.73 -17.55
N ILE A 274 -9.40 22.36 -17.69
CA ILE A 274 -9.91 22.64 -19.02
C ILE A 274 -8.97 23.66 -19.60
N TYR A 275 -8.87 24.80 -18.92
CA TYR A 275 -7.98 25.88 -19.35
C TYR A 275 -6.62 25.35 -19.82
N GLU A 276 -6.04 24.40 -19.09
CA GLU A 276 -4.74 23.82 -19.45
C GLU A 276 -4.76 23.25 -20.86
N ASP A 277 -5.87 22.60 -21.19
CA ASP A 277 -6.07 21.97 -22.49
C ASP A 277 -6.51 22.93 -23.59
N MET A 278 -7.14 24.04 -23.23
CA MET A 278 -7.51 25.01 -24.25
C MET A 278 -6.26 25.80 -24.59
N LEU A 279 -5.21 25.59 -23.79
CA LEU A 279 -3.92 26.23 -23.99
C LEU A 279 -3.00 25.29 -24.77
N GLU A 280 -2.99 24.00 -24.42
CA GLU A 280 -2.16 23.02 -25.13
C GLU A 280 -2.57 23.06 -26.59
N ASN A 281 -3.87 23.20 -26.81
CA ASN A 281 -4.44 23.24 -28.14
C ASN A 281 -4.51 24.63 -28.77
N GLN A 282 -4.05 25.65 -28.04
CA GLN A 282 -4.05 27.04 -28.51
C GLN A 282 -5.45 27.60 -28.81
N CYS A 283 -5.79 28.70 -28.17
CA CYS A 283 -7.10 29.30 -28.36
C CYS A 283 -7.06 30.81 -28.27
N ASP A 284 -7.91 31.49 -29.03
CA ASP A 284 -7.97 32.95 -29.00
C ASP A 284 -8.36 33.33 -27.58
N ASN A 285 -7.88 34.47 -27.13
CA ASN A 285 -8.12 34.96 -25.79
C ASN A 285 -7.22 34.17 -24.85
N LYS A 286 -6.32 33.37 -25.41
CA LYS A 286 -5.43 32.54 -24.59
C LYS A 286 -4.76 33.32 -23.49
N GLU A 287 -4.49 34.59 -23.74
CA GLU A 287 -3.83 35.41 -22.73
C GLU A 287 -4.73 35.57 -21.51
N ASP A 288 -6.00 35.86 -21.74
CA ASP A 288 -6.95 36.01 -20.64
C ASP A 288 -7.14 34.63 -19.99
N ILE A 289 -7.29 33.61 -20.82
CA ILE A 289 -7.46 32.25 -20.34
C ILE A 289 -6.36 31.93 -19.33
N LEU A 290 -5.13 32.26 -19.70
CA LEU A 290 -4.01 32.00 -18.82
C LEU A 290 -4.10 32.83 -17.54
N ASN A 291 -4.68 34.02 -17.64
CA ASN A 291 -4.81 34.88 -16.47
C ASN A 291 -5.85 34.29 -15.52
N LYS A 292 -7.00 33.90 -16.08
CA LYS A 292 -8.09 33.30 -15.31
C LYS A 292 -7.61 32.03 -14.60
N ALA A 293 -6.91 31.18 -15.36
CA ALA A 293 -6.37 29.93 -14.86
C ALA A 293 -5.33 30.10 -13.76
N LEU A 294 -4.49 31.13 -13.85
CA LEU A 294 -3.46 31.35 -12.83
C LEU A 294 -4.02 31.95 -11.55
N GLU A 295 -5.13 32.67 -11.71
CA GLU A 295 -5.83 33.30 -10.61
C GLU A 295 -6.50 32.17 -9.82
N LEU A 296 -7.09 31.23 -10.55
CA LEU A 296 -7.71 30.08 -9.94
C LEU A 296 -6.60 29.29 -9.23
N CYS A 297 -5.40 29.20 -9.83
CA CYS A 297 -4.28 28.48 -9.18
C CYS A 297 -3.87 29.12 -7.86
N GLU A 298 -3.98 30.46 -7.80
CA GLU A 298 -3.65 31.21 -6.59
C GLU A 298 -4.72 31.12 -5.52
N ILE A 299 -5.99 31.07 -5.95
CA ILE A 299 -7.13 30.92 -5.04
C ILE A 299 -7.03 29.55 -4.37
N LEU A 300 -6.91 28.50 -5.18
CA LEU A 300 -6.75 27.15 -4.68
C LEU A 300 -5.51 27.09 -3.79
N ALA A 301 -4.40 27.67 -4.25
CA ALA A 301 -3.15 27.68 -3.49
C ALA A 301 -3.14 28.51 -2.20
N LYS A 302 -3.82 29.65 -2.22
CA LYS A 302 -3.83 30.58 -1.09
C LYS A 302 -5.07 30.50 -0.21
N GLU A 303 -6.24 30.32 -0.84
CA GLU A 303 -7.51 30.26 -0.12
C GLU A 303 -8.29 28.97 -0.21
N LYS A 304 -8.72 28.63 -1.42
CA LYS A 304 -9.52 27.45 -1.68
C LYS A 304 -9.05 26.02 -1.39
N ASP A 305 -7.75 25.74 -1.45
CA ASP A 305 -7.25 24.39 -1.20
C ASP A 305 -5.76 24.39 -0.88
N THR A 306 -5.43 24.97 0.26
CA THR A 306 -4.05 25.14 0.68
C THR A 306 -3.27 23.94 1.13
N ILE A 307 -3.90 22.78 1.32
CA ILE A 307 -3.13 21.63 1.77
C ILE A 307 -2.11 21.29 0.69
N ARG A 308 -2.50 21.56 -0.56
CA ARG A 308 -1.60 21.34 -1.69
C ARG A 308 -1.29 22.68 -2.35
N LYS A 309 -0.60 23.54 -1.59
CA LYS A 309 -0.21 24.86 -2.05
C LYS A 309 1.08 24.71 -2.85
N GLU A 310 1.84 23.65 -2.54
CA GLU A 310 3.07 23.32 -3.25
C GLU A 310 2.76 22.85 -4.67
N TYR A 311 1.68 22.11 -4.80
CA TYR A 311 1.28 21.60 -6.10
C TYR A 311 0.64 22.71 -6.93
N TRP A 312 -0.33 23.39 -6.33
CA TRP A 312 -1.06 24.49 -6.98
C TRP A 312 -0.25 25.69 -7.50
N ARG A 313 0.85 26.00 -6.82
CA ARG A 313 1.70 27.09 -7.26
C ARG A 313 2.63 26.51 -8.33
N TYR A 314 2.90 25.21 -8.25
CA TYR A 314 3.73 24.56 -9.24
C TYR A 314 2.99 24.49 -10.55
N ILE A 315 1.67 24.37 -10.49
CA ILE A 315 0.84 24.34 -11.71
C ILE A 315 0.75 25.77 -12.26
N GLY A 316 1.00 26.75 -11.38
CA GLY A 316 0.99 28.14 -11.78
C GLY A 316 2.24 28.42 -12.58
N ARG A 317 3.35 27.89 -12.08
CA ARG A 317 4.67 28.04 -12.69
C ARG A 317 4.83 27.24 -13.97
N SER A 318 4.20 26.07 -14.06
CA SER A 318 4.30 25.28 -15.28
C SER A 318 3.41 25.92 -16.32
N LEU A 319 2.32 26.51 -15.87
CA LEU A 319 1.36 27.19 -16.74
C LEU A 319 2.04 28.43 -17.34
N GLN A 320 3.20 28.78 -16.80
CA GLN A 320 3.98 29.91 -17.29
C GLN A 320 4.78 29.44 -18.48
N SER A 321 5.66 28.47 -18.25
CA SER A 321 6.47 27.92 -19.32
C SER A 321 5.56 27.38 -20.42
N LYS A 322 4.73 26.40 -20.08
CA LYS A 322 3.82 25.78 -21.05
C LYS A 322 2.28 25.84 -20.72
N LEU B 23 0.73 26.63 14.75
CA LEU B 23 0.70 25.34 14.01
C LEU B 23 -0.37 25.48 12.92
N TYR B 24 -0.01 25.04 11.72
CA TYR B 24 -0.92 25.10 10.57
C TYR B 24 -2.29 24.54 10.96
N SER B 25 -2.26 23.42 11.69
CA SER B 25 -3.45 22.70 12.16
C SER B 25 -4.28 23.37 13.24
N LEU B 26 -3.62 23.90 14.26
CA LEU B 26 -4.33 24.54 15.37
C LEU B 26 -4.88 25.93 15.02
N ARG B 27 -4.63 26.39 13.79
CA ARG B 27 -5.14 27.69 13.36
C ARG B 27 -6.65 27.65 13.25
N PRO B 28 -7.29 28.84 13.28
CA PRO B 28 -8.75 29.01 13.19
C PRO B 28 -9.37 28.87 11.80
N GLU B 29 -8.61 29.21 10.76
CA GLU B 29 -9.15 29.09 9.41
C GLU B 29 -9.11 27.63 8.91
N HIS B 30 -8.21 26.83 9.50
CA HIS B 30 -8.05 25.40 9.17
C HIS B 30 -9.34 24.65 9.47
N ALA B 31 -10.15 25.23 10.33
CA ALA B 31 -11.40 24.61 10.71
C ALA B 31 -12.42 24.64 9.57
N ARG B 32 -12.09 25.35 8.52
CA ARG B 32 -12.98 25.42 7.38
C ARG B 32 -12.63 24.25 6.47
N GLU B 33 -11.55 23.56 6.79
CA GLU B 33 -11.14 22.42 5.99
C GLU B 33 -11.95 21.19 6.37
N ARG B 34 -12.91 21.39 7.26
CA ARG B 34 -13.81 20.34 7.76
C ARG B 34 -14.67 19.82 6.58
N LEU B 35 -15.15 18.58 6.72
CA LEU B 35 -15.95 17.92 5.67
C LEU B 35 -17.29 18.54 5.28
N GLN B 36 -17.45 18.74 3.97
CA GLN B 36 -18.66 19.27 3.38
C GLN B 36 -19.44 18.04 2.97
N ASP B 37 -20.41 17.68 3.78
CA ASP B 37 -21.27 16.51 3.58
C ASP B 37 -22.26 16.61 2.42
N ASP B 38 -22.60 17.84 2.02
CA ASP B 38 -23.57 18.11 0.94
C ASP B 38 -24.99 17.74 1.40
N SER B 39 -25.09 17.42 2.69
CA SER B 39 -26.33 16.99 3.33
C SER B 39 -26.72 15.63 2.80
N VAL B 40 -25.87 15.07 1.93
CA VAL B 40 -26.13 13.77 1.35
C VAL B 40 -25.14 12.88 2.04
N GLU B 41 -25.51 12.40 3.21
CA GLU B 41 -24.64 11.54 4.01
C GLU B 41 -24.66 10.06 3.64
N THR B 42 -23.48 9.49 3.41
CA THR B 42 -23.36 8.07 3.08
C THR B 42 -22.42 7.47 4.08
N VAL B 43 -22.26 6.16 3.98
CA VAL B 43 -21.38 5.44 4.88
C VAL B 43 -20.01 6.06 4.89
N THR B 44 -19.61 6.71 3.81
CA THR B 44 -18.30 7.34 3.74
C THR B 44 -18.20 8.66 4.49
N SER B 45 -19.23 9.50 4.36
CA SER B 45 -19.26 10.82 5.01
C SER B 45 -19.16 10.58 6.49
N ILE B 46 -20.07 9.73 6.97
CA ILE B 46 -20.18 9.34 8.37
C ILE B 46 -18.84 8.98 8.98
N GLU B 47 -18.14 8.03 8.34
CA GLU B 47 -16.86 7.60 8.86
C GLU B 47 -15.82 8.68 8.85
N GLN B 48 -15.77 9.45 7.76
CA GLN B 48 -14.81 10.52 7.63
C GLN B 48 -15.06 11.54 8.74
N ALA B 49 -16.32 11.93 8.89
CA ALA B 49 -16.72 12.88 9.90
C ALA B 49 -16.37 12.37 11.30
N LYS B 50 -16.34 11.06 11.48
CA LYS B 50 -15.99 10.51 12.78
C LYS B 50 -14.53 10.73 13.06
N VAL B 51 -13.69 10.44 12.09
CA VAL B 51 -12.25 10.60 12.30
C VAL B 51 -11.98 12.08 12.54
N GLU B 52 -12.60 12.95 11.74
CA GLU B 52 -12.40 14.38 11.89
C GLU B 52 -12.66 14.89 13.29
N GLU B 53 -13.72 14.39 13.96
CA GLU B 53 -14.01 14.79 15.33
C GLU B 53 -12.94 14.31 16.30
N LYS B 54 -12.54 13.05 16.20
CA LYS B 54 -11.50 12.51 17.10
C LYS B 54 -10.18 13.26 16.91
N ILE B 55 -9.96 13.74 15.70
CA ILE B 55 -8.74 14.48 15.38
C ILE B 55 -8.89 15.90 15.88
N GLN B 56 -10.07 16.50 15.70
CA GLN B 56 -10.29 17.86 16.17
C GLN B 56 -9.89 17.89 17.64
N GLU B 57 -10.43 16.94 18.40
CA GLU B 57 -10.11 16.84 19.82
C GLU B 57 -8.63 16.98 20.06
N VAL B 58 -7.85 16.13 19.41
CA VAL B 58 -6.39 16.15 19.58
C VAL B 58 -5.86 17.53 19.29
N PHE B 59 -6.37 18.12 18.22
CA PHE B 59 -5.94 19.45 17.84
C PHE B 59 -6.20 20.40 19.00
N SER B 60 -7.46 20.51 19.39
CA SER B 60 -7.85 21.38 20.48
C SER B 60 -7.32 20.92 21.82
N SER B 61 -6.58 19.83 21.85
CA SER B 61 -6.05 19.30 23.09
C SER B 61 -5.48 20.41 23.97
N TYR B 62 -4.72 21.29 23.33
CA TYR B 62 -4.03 22.42 23.97
C TYR B 62 -4.94 23.49 24.59
N LYS B 63 -5.82 24.04 23.76
CA LYS B 63 -6.77 25.06 24.16
C LYS B 63 -7.47 24.73 25.46
N PHE B 64 -8.10 23.56 25.49
CA PHE B 64 -8.81 23.11 26.67
C PHE B 64 -7.96 23.03 27.94
N ASN B 65 -6.69 22.62 27.79
CA ASN B 65 -5.81 22.43 28.95
C ASN B 65 -4.94 23.59 29.44
N HIS B 66 -4.81 24.62 28.63
CA HIS B 66 -4.05 25.80 29.00
C HIS B 66 -2.57 25.66 29.18
N LEU B 67 -1.98 25.01 28.19
CA LEU B 67 -0.53 24.82 28.12
C LEU B 67 -0.18 25.33 26.74
N VAL B 68 1.11 25.54 26.50
CA VAL B 68 1.56 26.00 25.17
C VAL B 68 1.84 24.71 24.37
N PRO B 69 1.44 24.63 23.08
CA PRO B 69 1.70 23.41 22.30
C PRO B 69 3.18 23.11 22.10
N ARG B 70 3.60 21.89 22.43
CA ARG B 70 4.98 21.50 22.24
C ARG B 70 5.11 20.13 21.59
N LEU B 71 5.16 20.12 20.25
CA LEU B 71 5.29 18.89 19.47
C LEU B 71 6.64 18.25 19.77
N VAL B 72 6.62 17.05 20.29
CA VAL B 72 7.86 16.35 20.63
C VAL B 72 7.77 14.87 20.24
N LEU B 73 8.87 14.31 19.74
CA LEU B 73 8.87 12.89 19.37
C LEU B 73 9.40 12.06 20.54
N GLN B 74 8.50 11.36 21.23
CA GLN B 74 8.82 10.51 22.38
C GLN B 74 9.81 9.45 21.96
N ARG B 75 10.99 9.93 21.58
CA ARG B 75 12.07 9.13 21.07
C ARG B 75 12.58 8.08 22.05
N GLU B 76 12.61 8.41 23.33
CA GLU B 76 13.08 7.43 24.31
C GLU B 76 12.05 6.36 24.52
N LYS B 77 10.78 6.76 24.66
CA LYS B 77 9.69 5.82 24.85
C LYS B 77 9.59 4.87 23.65
N HIS B 78 9.79 5.41 22.45
CA HIS B 78 9.78 4.68 21.18
C HIS B 78 10.98 3.72 21.10
N PHE B 79 12.13 4.20 21.59
CA PHE B 79 13.36 3.42 21.58
C PHE B 79 13.24 2.22 22.46
N HIS B 80 12.60 2.39 23.61
CA HIS B 80 12.48 1.30 24.55
C HIS B 80 11.50 0.24 24.08
N TYR B 81 10.53 0.66 23.26
CA TYR B 81 9.50 -0.22 22.66
C TYR B 81 10.16 -1.09 21.59
N LEU B 82 10.84 -0.41 20.68
CA LEU B 82 11.54 -1.03 19.57
C LEU B 82 12.61 -1.95 20.09
N LYS B 83 13.43 -1.43 20.99
CA LYS B 83 14.53 -2.18 21.60
C LYS B 83 14.10 -3.53 22.20
N ARG B 84 12.88 -3.57 22.75
CA ARG B 84 12.30 -4.79 23.34
C ARG B 84 11.75 -5.77 22.30
N GLY B 85 11.03 -5.23 21.31
CA GLY B 85 10.47 -6.04 20.23
C GLY B 85 11.51 -6.71 19.34
N LEU B 86 12.73 -6.18 19.32
CA LEU B 86 13.77 -6.78 18.50
C LEU B 86 14.22 -8.04 19.17
N ARG B 87 13.90 -8.16 20.46
CA ARG B 87 14.28 -9.33 21.26
C ARG B 87 13.17 -10.36 21.42
N GLN B 88 11.95 -9.91 21.68
CA GLN B 88 10.82 -10.84 21.84
C GLN B 88 9.46 -10.15 21.84
N LEU B 89 8.46 -10.88 21.34
CA LEU B 89 7.10 -10.36 21.23
C LEU B 89 6.14 -11.32 21.92
N THR B 90 4.99 -10.79 22.36
CA THR B 90 3.98 -11.60 23.04
C THR B 90 3.26 -12.45 22.01
N ASP B 91 2.39 -13.33 22.47
CA ASP B 91 1.63 -14.17 21.55
C ASP B 91 0.67 -13.31 20.70
N ALA B 92 0.58 -12.01 20.98
CA ALA B 92 -0.27 -11.14 20.19
C ALA B 92 0.31 -11.03 18.78
N TYR B 93 1.57 -11.44 18.65
CA TYR B 93 2.32 -11.41 17.40
C TYR B 93 2.39 -12.77 16.72
N GLU B 94 1.55 -13.68 17.17
CA GLU B 94 1.45 -14.99 16.56
C GLU B 94 0.94 -14.83 15.10
N CYS B 95 0.21 -13.74 14.85
CA CYS B 95 -0.36 -13.41 13.53
C CYS B 95 0.63 -12.91 12.48
N LEU B 96 1.84 -12.61 12.94
CA LEU B 96 2.92 -12.13 12.09
C LEU B 96 4.07 -13.11 12.18
N ASP B 97 3.72 -14.35 12.51
CA ASP B 97 4.66 -15.46 12.65
C ASP B 97 5.27 -15.87 11.31
N ALA B 98 4.70 -15.36 10.21
CA ALA B 98 5.20 -15.65 8.87
C ALA B 98 5.74 -14.36 8.26
N SER B 99 5.98 -13.36 9.12
CA SER B 99 6.51 -12.07 8.71
C SER B 99 7.65 -11.65 9.62
N ARG B 100 8.48 -12.60 10.04
CA ARG B 100 9.57 -12.26 10.94
C ARG B 100 10.67 -11.39 10.36
N PRO B 101 11.00 -11.55 9.07
CA PRO B 101 12.06 -10.66 8.58
C PRO B 101 11.50 -9.24 8.54
N TRP B 102 10.18 -9.12 8.49
CA TRP B 102 9.54 -7.82 8.48
C TRP B 102 9.70 -7.18 9.85
N LEU B 103 9.55 -7.97 10.91
CA LEU B 103 9.69 -7.40 12.24
C LEU B 103 11.12 -6.89 12.44
N CYS B 104 12.11 -7.59 11.88
CA CYS B 104 13.50 -7.13 11.98
C CYS B 104 13.62 -5.80 11.23
N TYR B 105 13.11 -5.76 10.00
CA TYR B 105 13.18 -4.56 9.20
C TYR B 105 12.49 -3.37 9.84
N TRP B 106 11.24 -3.52 10.24
CA TRP B 106 10.51 -2.40 10.84
C TRP B 106 11.21 -1.83 12.08
N ILE B 107 11.66 -2.71 12.96
CA ILE B 107 12.33 -2.31 14.19
C ILE B 107 13.72 -1.70 13.88
N LEU B 108 14.56 -2.44 13.14
CA LEU B 108 15.89 -2.00 12.73
C LEU B 108 15.89 -0.81 11.81
N HIS B 109 14.72 -0.32 11.43
CA HIS B 109 14.69 0.83 10.55
C HIS B 109 14.17 2.00 11.36
N SER B 110 13.35 1.70 12.36
CA SER B 110 12.82 2.75 13.21
C SER B 110 14.01 3.23 14.06
N LEU B 111 14.78 2.27 14.58
CA LEU B 111 15.95 2.56 15.38
C LEU B 111 16.90 3.33 14.48
N GLU B 112 16.99 2.91 13.22
CA GLU B 112 17.85 3.55 12.24
C GLU B 112 17.47 5.01 12.03
N LEU B 113 16.18 5.30 12.05
CA LEU B 113 15.74 6.67 11.87
C LEU B 113 15.87 7.48 13.16
N LEU B 114 15.73 6.80 14.30
CA LEU B 114 15.81 7.45 15.60
C LEU B 114 17.27 7.64 15.98
N ASP B 115 18.15 7.29 15.05
CA ASP B 115 19.59 7.40 15.22
C ASP B 115 20.08 6.55 16.39
N GLU B 116 19.29 5.53 16.73
CA GLU B 116 19.64 4.64 17.82
C GLU B 116 20.63 3.57 17.35
N PRO B 117 21.33 2.94 18.30
CA PRO B 117 22.35 1.88 18.12
C PRO B 117 21.90 0.49 17.77
N ILE B 118 22.75 -0.22 17.04
CA ILE B 118 22.47 -1.59 16.64
C ILE B 118 23.66 -2.45 17.08
N PRO B 119 23.72 -2.80 18.38
CA PRO B 119 24.78 -3.61 18.99
C PRO B 119 25.43 -4.66 18.09
N GLN B 120 26.75 -4.65 18.05
CA GLN B 120 27.55 -5.56 17.21
C GLN B 120 27.24 -7.03 17.44
N ILE B 121 26.45 -7.30 18.48
CA ILE B 121 26.05 -8.66 18.84
C ILE B 121 24.61 -8.93 18.38
N VAL B 122 23.73 -7.94 18.56
CA VAL B 122 22.35 -8.10 18.16
C VAL B 122 22.25 -8.19 16.63
N ALA B 123 23.02 -7.35 15.95
CA ALA B 123 23.06 -7.30 14.50
C ALA B 123 23.49 -8.66 13.97
N THR B 124 24.37 -9.31 14.71
CA THR B 124 24.83 -10.62 14.30
C THR B 124 23.72 -11.62 14.41
N ASP B 125 23.03 -11.62 15.56
CA ASP B 125 21.92 -12.54 15.79
C ASP B 125 20.91 -12.35 14.69
N VAL B 126 20.60 -11.08 14.38
CA VAL B 126 19.67 -10.80 13.30
C VAL B 126 20.19 -11.46 12.03
N CYS B 127 21.50 -11.31 11.75
CA CYS B 127 22.12 -11.90 10.55
C CYS B 127 22.01 -13.38 10.56
N GLN B 128 22.18 -13.96 11.76
CA GLN B 128 22.15 -15.39 11.98
C GLN B 128 20.74 -15.94 11.86
N PHE B 129 19.78 -15.15 12.29
CA PHE B 129 18.39 -15.55 12.25
C PHE B 129 17.90 -15.54 10.79
N LEU B 130 18.18 -14.44 10.08
CA LEU B 130 17.80 -14.28 8.67
C LEU B 130 18.41 -15.40 7.81
N GLU B 131 19.59 -15.87 8.21
CA GLU B 131 20.25 -16.93 7.51
C GLU B 131 19.39 -18.18 7.63
N LEU B 132 18.67 -18.29 8.75
CA LEU B 132 17.76 -19.43 9.05
C LEU B 132 16.45 -19.30 8.29
N CYS B 133 16.10 -18.06 7.96
CA CYS B 133 14.89 -17.73 7.20
C CYS B 133 15.12 -17.98 5.71
N GLN B 134 16.35 -17.75 5.26
CA GLN B 134 16.74 -17.92 3.85
C GLN B 134 16.56 -19.36 3.34
N SER B 135 16.03 -19.48 2.12
CA SER B 135 15.77 -20.79 1.52
C SER B 135 16.91 -21.33 0.64
N PRO B 136 17.10 -22.66 0.64
CA PRO B 136 18.16 -23.24 -0.18
C PRO B 136 17.86 -23.03 -1.68
N ASP B 137 16.64 -22.59 -1.98
CA ASP B 137 16.25 -22.31 -3.33
C ASP B 137 16.38 -20.80 -3.59
N GLY B 138 16.94 -20.08 -2.62
CA GLY B 138 17.10 -18.63 -2.72
C GLY B 138 15.93 -17.84 -2.13
N GLY B 139 16.18 -16.60 -1.72
CA GLY B 139 15.11 -15.80 -1.14
C GLY B 139 14.93 -16.10 0.34
N PHE B 140 13.96 -15.44 0.97
CA PHE B 140 13.72 -15.65 2.39
C PHE B 140 12.29 -16.01 2.74
N GLY B 141 12.15 -16.80 3.80
CA GLY B 141 10.82 -17.20 4.24
C GLY B 141 10.36 -16.28 5.37
N GLY B 142 9.18 -16.54 5.93
CA GLY B 142 8.69 -15.69 7.02
C GLY B 142 9.27 -16.03 8.39
N GLY B 143 10.01 -17.13 8.44
CA GLY B 143 10.64 -17.57 9.66
C GLY B 143 11.48 -18.80 9.35
N PRO B 144 12.19 -19.36 10.33
CA PRO B 144 12.97 -20.54 9.98
C PRO B 144 12.11 -21.62 9.37
N GLY B 145 12.52 -22.10 8.22
CA GLY B 145 11.80 -23.18 7.56
C GLY B 145 10.63 -22.88 6.65
N GLN B 146 10.32 -21.60 6.45
CA GLN B 146 9.19 -21.23 5.61
C GLN B 146 9.61 -21.01 4.17
N TYR B 147 8.73 -21.41 3.25
CA TYR B 147 8.98 -21.23 1.82
C TYR B 147 9.30 -19.76 1.55
N PRO B 148 10.30 -19.48 0.70
CA PRO B 148 10.70 -18.11 0.37
C PRO B 148 9.52 -17.35 -0.21
N HIS B 149 9.45 -16.06 0.03
CA HIS B 149 8.32 -15.25 -0.44
C HIS B 149 9.00 -13.92 -0.67
N LEU B 150 8.59 -13.20 -1.71
CA LEU B 150 9.17 -11.89 -2.03
C LEU B 150 9.00 -10.79 -0.97
N ALA B 151 7.90 -10.82 -0.20
CA ALA B 151 7.73 -9.78 0.83
C ALA B 151 8.81 -9.92 1.93
N PRO B 152 9.01 -11.14 2.51
CA PRO B 152 10.04 -11.41 3.53
C PRO B 152 11.48 -11.22 2.94
N THR B 153 11.68 -11.58 1.66
CA THR B 153 12.95 -11.41 0.94
C THR B 153 13.28 -9.91 0.86
N TYR B 154 12.31 -9.10 0.46
CA TYR B 154 12.53 -7.67 0.39
C TYR B 154 12.95 -7.16 1.74
N ALA B 155 12.23 -7.61 2.77
CA ALA B 155 12.48 -7.21 4.14
C ALA B 155 13.84 -7.66 4.68
N ALA B 156 14.17 -8.93 4.46
CA ALA B 156 15.45 -9.48 4.90
C ALA B 156 16.60 -8.71 4.30
N VAL B 157 16.52 -8.45 2.99
CA VAL B 157 17.58 -7.73 2.29
C VAL B 157 17.71 -6.31 2.84
N ASN B 158 16.58 -5.62 3.05
CA ASN B 158 16.65 -4.26 3.60
C ASN B 158 17.25 -4.29 5.01
N ALA B 159 16.90 -5.32 5.79
CA ALA B 159 17.46 -5.46 7.16
C ALA B 159 18.98 -5.61 7.04
N LEU B 160 19.42 -6.66 6.35
CA LEU B 160 20.85 -6.91 6.16
C LEU B 160 21.64 -5.67 5.69
N CYS B 161 21.02 -4.81 4.88
CA CYS B 161 21.68 -3.60 4.41
C CYS B 161 21.72 -2.52 5.47
N ILE B 162 20.68 -2.45 6.31
CA ILE B 162 20.63 -1.46 7.37
C ILE B 162 21.80 -1.76 8.31
N ILE B 163 22.04 -3.03 8.59
CA ILE B 163 23.18 -3.40 9.40
C ILE B 163 24.38 -3.00 8.52
N GLY B 164 24.50 -3.61 7.34
CA GLY B 164 25.56 -3.26 6.39
C GLY B 164 27.01 -3.58 6.75
N THR B 165 27.31 -4.87 6.87
CA THR B 165 28.65 -5.32 7.22
C THR B 165 28.99 -6.51 6.35
N GLU B 166 30.27 -6.81 6.20
CA GLU B 166 30.66 -7.96 5.39
C GLU B 166 29.82 -9.18 5.74
N GLU B 167 29.56 -9.35 7.04
CA GLU B 167 28.77 -10.47 7.52
C GLU B 167 27.33 -10.43 7.04
N ALA B 168 26.64 -9.33 7.30
CA ALA B 168 25.25 -9.19 6.88
C ALA B 168 25.12 -9.39 5.37
N TYR B 169 25.87 -8.60 4.59
CA TYR B 169 25.87 -8.72 3.13
C TYR B 169 26.13 -10.16 2.72
N ASN B 170 27.07 -10.80 3.42
CA ASN B 170 27.43 -12.17 3.10
C ASN B 170 26.37 -13.23 3.39
N VAL B 171 25.30 -12.87 4.09
CA VAL B 171 24.23 -13.82 4.39
C VAL B 171 23.43 -14.10 3.11
N ILE B 172 23.24 -13.04 2.31
CA ILE B 172 22.51 -13.08 1.02
C ILE B 172 23.17 -13.91 -0.10
N ASN B 173 22.52 -15.00 -0.50
CA ASN B 173 23.01 -15.87 -1.56
C ASN B 173 22.49 -15.33 -2.88
N ARG B 174 23.34 -14.58 -3.56
CA ARG B 174 23.04 -13.91 -4.84
C ARG B 174 22.81 -14.81 -6.05
N GLU B 175 23.46 -15.95 -6.08
CA GLU B 175 23.33 -16.88 -7.19
C GLU B 175 22.03 -17.63 -7.06
N LYS B 176 21.57 -17.78 -5.82
CA LYS B 176 20.32 -18.46 -5.54
C LYS B 176 19.17 -17.49 -5.63
N LEU B 177 19.44 -16.23 -5.30
CA LEU B 177 18.43 -15.18 -5.35
C LEU B 177 17.93 -14.94 -6.77
N LEU B 178 18.83 -15.05 -7.75
CA LEU B 178 18.48 -14.87 -9.16
C LEU B 178 17.64 -16.05 -9.57
N GLN B 179 18.05 -17.26 -9.18
CA GLN B 179 17.28 -18.46 -9.52
C GLN B 179 15.83 -18.26 -9.09
N TYR B 180 15.68 -17.92 -7.80
CA TYR B 180 14.40 -17.67 -7.18
C TYR B 180 13.63 -16.59 -7.91
N LEU B 181 14.25 -15.43 -8.15
CA LEU B 181 13.57 -14.36 -8.87
C LEU B 181 13.08 -14.84 -10.22
N TYR B 182 13.90 -15.60 -10.90
CA TYR B 182 13.50 -16.12 -12.20
C TYR B 182 12.40 -17.13 -12.03
N SER B 183 12.36 -17.82 -10.89
CA SER B 183 11.32 -18.83 -10.66
C SER B 183 9.90 -18.26 -10.57
N LEU B 184 9.80 -16.98 -10.19
CA LEU B 184 8.52 -16.33 -10.02
C LEU B 184 8.07 -15.55 -11.24
N LYS B 185 9.04 -15.17 -12.08
CA LYS B 185 8.81 -14.37 -13.30
C LYS B 185 7.73 -14.93 -14.22
N GLN B 186 6.80 -14.05 -14.58
CA GLN B 186 5.66 -14.37 -15.46
C GLN B 186 5.85 -13.87 -16.88
N PRO B 187 5.27 -14.60 -17.83
CA PRO B 187 5.38 -14.20 -19.23
C PRO B 187 4.90 -12.77 -19.48
N ASP B 188 3.88 -12.31 -18.75
CA ASP B 188 3.39 -10.94 -18.97
C ASP B 188 4.17 -9.86 -18.31
N GLY B 189 5.27 -10.23 -17.67
CA GLY B 189 6.12 -9.26 -17.02
C GLY B 189 6.03 -9.17 -15.52
N SER B 190 4.95 -9.72 -14.96
CA SER B 190 4.74 -9.69 -13.53
C SER B 190 5.46 -10.87 -12.93
N PHE B 191 5.58 -10.91 -11.60
CA PHE B 191 6.21 -12.00 -10.84
C PHE B 191 5.18 -12.49 -9.85
N LEU B 192 5.35 -13.71 -9.38
CA LEU B 192 4.45 -14.24 -8.35
C LEU B 192 5.14 -13.78 -7.05
N MET B 193 4.41 -13.77 -5.93
CA MET B 193 5.04 -13.37 -4.67
C MET B 193 5.81 -14.57 -4.12
N HIS B 194 5.32 -15.75 -4.45
CA HIS B 194 5.97 -17.00 -4.07
C HIS B 194 5.46 -18.10 -5.00
N VAL B 195 6.14 -19.24 -4.99
CA VAL B 195 5.72 -20.34 -5.83
C VAL B 195 4.31 -20.74 -5.46
N GLY B 196 3.45 -20.75 -6.46
CA GLY B 196 2.07 -21.07 -6.21
C GLY B 196 1.34 -19.94 -5.54
N GLY B 197 1.96 -18.75 -5.47
CA GLY B 197 1.36 -17.61 -4.81
C GLY B 197 0.74 -16.59 -5.76
N GLU B 198 0.15 -15.55 -5.19
CA GLU B 198 -0.51 -14.50 -5.96
C GLU B 198 0.39 -13.53 -6.72
N VAL B 199 -0.23 -12.73 -7.58
CA VAL B 199 0.48 -11.72 -8.36
C VAL B 199 -0.15 -10.34 -8.17
N ASP B 200 0.67 -9.33 -7.92
CA ASP B 200 0.23 -7.93 -7.81
C ASP B 200 1.51 -7.10 -7.81
N VAL B 201 1.44 -5.77 -7.94
CA VAL B 201 2.66 -4.93 -8.01
C VAL B 201 3.74 -5.09 -6.94
N ARG B 202 3.38 -5.55 -5.74
CA ARG B 202 4.38 -5.72 -4.68
C ARG B 202 5.52 -6.63 -5.19
N SER B 203 5.20 -7.66 -5.96
CA SER B 203 6.23 -8.57 -6.44
C SER B 203 7.21 -7.87 -7.32
N ALA B 204 6.74 -6.90 -8.11
CA ALA B 204 7.60 -6.16 -9.03
C ALA B 204 8.63 -5.29 -8.30
N TYR B 205 8.14 -4.57 -7.28
CA TYR B 205 8.98 -3.69 -6.43
C TYR B 205 9.93 -4.53 -5.55
N CYS B 206 9.42 -5.62 -4.98
CA CYS B 206 10.23 -6.48 -4.14
C CYS B 206 11.38 -7.03 -4.95
N ALA B 207 11.10 -7.60 -6.12
CA ALA B 207 12.17 -8.16 -6.97
C ALA B 207 13.14 -7.05 -7.39
N ALA B 208 12.63 -5.94 -7.91
CA ALA B 208 13.48 -4.83 -8.34
C ALA B 208 14.39 -4.29 -7.23
N SER B 209 13.86 -4.10 -6.02
CA SER B 209 14.62 -3.60 -4.87
C SER B 209 15.77 -4.54 -4.44
N VAL B 210 15.50 -5.83 -4.28
CA VAL B 210 16.53 -6.78 -3.88
C VAL B 210 17.54 -7.11 -4.99
N ALA B 211 17.06 -7.24 -6.23
CA ALA B 211 17.93 -7.56 -7.36
C ALA B 211 18.89 -6.41 -7.66
N SER B 212 18.41 -5.18 -7.62
CA SER B 212 19.28 -4.03 -7.88
C SER B 212 20.34 -3.84 -6.78
N LEU B 213 19.91 -3.82 -5.51
CA LEU B 213 20.81 -3.66 -4.39
C LEU B 213 21.91 -4.71 -4.41
N THR B 214 21.54 -5.97 -4.59
CA THR B 214 22.54 -7.04 -4.64
C THR B 214 23.21 -7.23 -6.02
N ASN B 215 22.86 -6.38 -6.98
CA ASN B 215 23.45 -6.47 -8.31
C ASN B 215 23.33 -7.86 -8.97
N ILE B 216 22.11 -8.29 -9.25
CA ILE B 216 21.91 -9.58 -9.89
C ILE B 216 21.04 -9.36 -11.10
N ILE B 217 20.82 -8.09 -11.44
CA ILE B 217 19.97 -7.78 -12.58
C ILE B 217 20.64 -8.10 -13.92
N THR B 218 20.13 -9.15 -14.55
CA THR B 218 20.60 -9.60 -15.85
C THR B 218 19.86 -8.72 -16.89
N PRO B 219 20.10 -8.95 -18.18
CA PRO B 219 19.41 -8.15 -19.21
C PRO B 219 17.93 -8.47 -19.40
N ASP B 220 17.57 -9.74 -19.22
CA ASP B 220 16.18 -10.14 -19.41
C ASP B 220 15.38 -10.41 -18.13
N LEU B 221 15.97 -10.14 -16.97
CA LEU B 221 15.29 -10.37 -15.71
C LEU B 221 13.93 -9.71 -15.66
N PHE B 222 13.91 -8.39 -15.84
CA PHE B 222 12.69 -7.61 -15.77
C PHE B 222 12.06 -7.30 -17.12
N GLU B 223 12.23 -8.23 -18.06
CA GLU B 223 11.69 -8.08 -19.41
C GLU B 223 10.18 -7.92 -19.37
N GLY B 224 9.69 -6.78 -19.84
CA GLY B 224 8.27 -6.58 -19.88
C GLY B 224 7.68 -6.17 -18.56
N THR B 225 8.51 -6.01 -17.53
CA THR B 225 8.01 -5.63 -16.21
C THR B 225 7.54 -4.19 -16.14
N ALA B 226 8.25 -3.29 -16.80
CA ALA B 226 7.83 -1.90 -16.75
C ALA B 226 6.49 -1.74 -17.46
N GLU B 227 6.22 -2.58 -18.45
CA GLU B 227 4.98 -2.50 -19.20
C GLU B 227 3.77 -2.99 -18.42
N TRP B 228 3.96 -4.01 -17.60
CA TRP B 228 2.89 -4.56 -16.78
C TRP B 228 2.58 -3.52 -15.70
N ILE B 229 3.61 -3.02 -15.04
CA ILE B 229 3.44 -2.00 -14.01
C ILE B 229 2.71 -0.77 -14.54
N ALA B 230 2.93 -0.42 -15.80
CA ALA B 230 2.26 0.73 -16.42
C ALA B 230 0.79 0.43 -16.74
N ARG B 231 0.45 -0.86 -16.82
CA ARG B 231 -0.93 -1.27 -17.05
C ARG B 231 -1.72 -1.16 -15.74
N CYS B 232 -1.02 -1.12 -14.61
CA CYS B 232 -1.65 -0.98 -13.31
C CYS B 232 -2.16 0.45 -13.10
N GLN B 233 -1.61 1.43 -13.83
CA GLN B 233 -2.05 2.84 -13.75
C GLN B 233 -3.43 2.97 -14.37
N ASN B 234 -4.43 3.41 -13.60
CA ASN B 234 -5.80 3.54 -14.10
C ASN B 234 -6.31 4.98 -14.34
N TRP B 235 -7.60 5.13 -14.64
CA TRP B 235 -8.24 6.43 -14.88
C TRP B 235 -8.04 7.52 -13.80
N GLU B 236 -7.63 7.12 -12.60
CA GLU B 236 -7.42 8.06 -11.47
C GLU B 236 -6.02 8.72 -11.47
N GLY B 237 -5.09 8.20 -12.26
CA GLY B 237 -3.77 8.76 -12.25
C GLY B 237 -2.92 7.89 -11.36
N GLY B 238 -3.55 7.14 -10.48
CA GLY B 238 -2.80 6.27 -9.59
C GLY B 238 -2.62 4.86 -10.12
N ILE B 239 -1.94 4.03 -9.35
CA ILE B 239 -1.64 2.66 -9.72
C ILE B 239 -2.40 1.66 -8.82
N GLY B 240 -2.91 0.55 -9.38
CA GLY B 240 -3.65 -0.45 -8.60
C GLY B 240 -2.83 -1.71 -8.39
N GLY B 241 -3.37 -2.70 -7.69
CA GLY B 241 -2.60 -3.92 -7.45
C GLY B 241 -2.27 -4.71 -8.69
N VAL B 242 -3.23 -4.79 -9.60
CA VAL B 242 -3.10 -5.47 -10.89
C VAL B 242 -3.84 -4.58 -11.93
N PRO B 243 -3.54 -4.72 -13.26
CA PRO B 243 -4.27 -3.87 -14.21
C PRO B 243 -5.79 -3.97 -14.03
N GLY B 244 -6.47 -2.81 -13.97
CA GLY B 244 -7.92 -2.81 -13.80
C GLY B 244 -8.39 -2.43 -12.41
N MET B 245 -7.50 -2.55 -11.43
CA MET B 245 -7.85 -2.23 -10.05
C MET B 245 -7.73 -0.77 -9.65
N GLU B 246 -8.44 -0.43 -8.57
CA GLU B 246 -8.50 0.93 -8.01
C GLU B 246 -7.13 1.41 -7.56
N ALA B 247 -6.84 2.67 -7.84
CA ALA B 247 -5.55 3.26 -7.47
C ALA B 247 -5.45 3.18 -5.95
N HIS B 248 -4.31 2.72 -5.48
CA HIS B 248 -4.08 2.51 -4.08
C HIS B 248 -2.70 3.00 -3.74
N GLY B 249 -2.53 3.64 -2.58
CA GLY B 249 -1.22 4.18 -2.21
C GLY B 249 -0.06 3.21 -1.99
N GLY B 250 -0.32 2.04 -1.44
CA GLY B 250 0.79 1.11 -1.22
C GLY B 250 1.24 0.50 -2.51
N TYR B 251 0.30 0.34 -3.46
CA TYR B 251 0.61 -0.23 -4.77
C TYR B 251 1.23 0.81 -5.70
N THR B 252 0.83 2.07 -5.55
CA THR B 252 1.37 3.16 -6.35
C THR B 252 2.83 3.38 -5.94
N PHE B 253 3.16 3.20 -4.67
CA PHE B 253 4.55 3.34 -4.26
C PHE B 253 5.34 2.18 -4.85
N CYS B 254 4.79 0.96 -4.83
CA CYS B 254 5.49 -0.18 -5.40
C CYS B 254 5.73 -0.01 -6.89
N GLY B 255 4.72 0.47 -7.60
CA GLY B 255 4.84 0.70 -9.03
C GLY B 255 5.84 1.78 -9.37
N LEU B 256 5.62 3.00 -8.84
CA LEU B 256 6.52 4.11 -9.10
C LEU B 256 7.96 3.76 -8.72
N ALA B 257 8.21 3.39 -7.47
CA ALA B 257 9.54 3.00 -7.05
C ALA B 257 10.16 1.90 -7.91
N ALA B 258 9.34 0.95 -8.37
CA ALA B 258 9.86 -0.14 -9.21
C ALA B 258 10.31 0.45 -10.52
N LEU B 259 9.55 1.41 -11.04
CA LEU B 259 9.91 2.04 -12.31
C LEU B 259 11.13 2.94 -12.16
N VAL B 260 11.29 3.59 -11.00
CA VAL B 260 12.46 4.43 -10.76
C VAL B 260 13.70 3.54 -10.78
N ILE B 261 13.61 2.39 -10.14
CA ILE B 261 14.73 1.46 -10.14
C ILE B 261 15.10 1.05 -11.59
N LEU B 262 14.09 0.60 -12.34
CA LEU B 262 14.26 0.16 -13.72
C LEU B 262 14.56 1.33 -14.66
N LYS B 263 14.52 2.53 -14.11
CA LYS B 263 14.80 3.75 -14.85
C LYS B 263 13.77 3.94 -15.96
N LYS B 264 12.51 3.70 -15.60
CA LYS B 264 11.40 3.81 -16.53
C LYS B 264 10.16 4.52 -16.01
N GLU B 265 10.32 5.43 -15.05
CA GLU B 265 9.22 6.20 -14.50
C GLU B 265 8.37 6.72 -15.64
N ARG B 266 9.04 7.12 -16.71
CA ARG B 266 8.40 7.66 -17.90
C ARG B 266 7.39 6.74 -18.62
N SER B 267 7.29 5.48 -18.21
CA SER B 267 6.30 4.56 -18.78
C SER B 267 4.91 4.91 -18.24
N LEU B 268 4.84 5.90 -17.35
CA LEU B 268 3.57 6.35 -16.77
C LEU B 268 3.21 7.79 -17.16
N ASN B 269 1.97 8.20 -16.86
CA ASN B 269 1.60 9.58 -17.11
C ASN B 269 1.87 10.21 -15.75
N LEU B 270 3.04 10.83 -15.59
CA LEU B 270 3.45 11.45 -14.34
C LEU B 270 2.63 12.67 -13.99
N LYS B 271 2.00 13.27 -14.96
CA LYS B 271 1.20 14.43 -14.64
C LYS B 271 0.06 13.97 -13.77
N SER B 272 -0.83 13.14 -14.33
CA SER B 272 -1.98 12.62 -13.58
C SER B 272 -1.60 11.86 -12.31
N LEU B 273 -0.45 11.20 -12.33
CA LEU B 273 -0.04 10.50 -11.13
C LEU B 273 0.16 11.54 -10.03
N LEU B 274 0.74 12.67 -10.42
CA LEU B 274 1.01 13.76 -9.47
C LEU B 274 -0.27 14.35 -8.94
N GLN B 275 -1.26 14.59 -9.79
CA GLN B 275 -2.53 15.16 -9.33
C GLN B 275 -3.24 14.18 -8.37
N TRP B 276 -3.08 12.87 -8.64
CA TRP B 276 -3.68 11.85 -7.81
C TRP B 276 -3.05 11.79 -6.44
N VAL B 277 -1.74 11.62 -6.38
CA VAL B 277 -1.05 11.54 -5.08
C VAL B 277 -1.29 12.76 -4.22
N THR B 278 -1.16 13.95 -4.81
CA THR B 278 -1.37 15.18 -4.06
C THR B 278 -2.82 15.32 -3.58
N SER B 279 -3.75 14.66 -4.23
CA SER B 279 -5.12 14.74 -3.79
C SER B 279 -5.34 13.87 -2.57
N ARG B 280 -4.39 12.99 -2.28
CA ARG B 280 -4.52 12.05 -1.18
C ARG B 280 -4.26 12.58 0.19
N GLN B 281 -3.74 13.80 0.28
CA GLN B 281 -3.47 14.37 1.58
C GLN B 281 -4.75 15.00 2.03
N MET B 282 -5.12 14.70 3.27
CA MET B 282 -6.35 15.18 3.92
C MET B 282 -6.24 16.62 4.36
N ARG B 283 -7.01 17.49 3.69
CA ARG B 283 -7.03 18.93 3.95
C ARG B 283 -7.23 19.26 5.45
N PHE B 284 -8.09 18.49 6.10
CA PHE B 284 -8.33 18.72 7.50
C PHE B 284 -7.41 17.97 8.42
N GLU B 285 -7.06 16.73 8.09
CA GLU B 285 -6.22 16.00 9.02
C GLU B 285 -4.74 16.23 8.84
N GLY B 286 -4.33 16.43 7.58
CA GLY B 286 -2.93 16.66 7.26
C GLY B 286 -2.18 15.43 6.79
N GLY B 287 -2.59 14.25 7.26
CA GLY B 287 -1.96 13.01 6.83
C GLY B 287 -2.56 12.54 5.53
N PHE B 288 -2.09 11.41 5.01
CA PHE B 288 -2.58 10.86 3.74
C PHE B 288 -3.58 9.71 3.81
N GLN B 289 -4.30 9.51 2.71
CA GLN B 289 -5.24 8.40 2.61
C GLN B 289 -4.70 7.47 1.53
N GLY B 290 -5.02 6.19 1.65
CA GLY B 290 -4.51 5.22 0.70
C GLY B 290 -5.29 5.21 -0.58
N ARG B 291 -6.58 5.57 -0.51
CA ARG B 291 -7.47 5.57 -1.67
C ARG B 291 -8.42 6.75 -1.61
N CYS B 292 -8.86 7.24 -2.77
CA CYS B 292 -9.78 8.35 -2.79
C CYS B 292 -11.00 7.99 -1.95
N ASN B 293 -11.42 8.90 -1.09
CA ASN B 293 -12.60 8.66 -0.25
C ASN B 293 -12.46 7.59 0.84
N LYS B 294 -11.23 7.32 1.28
CA LYS B 294 -11.02 6.40 2.40
C LYS B 294 -10.58 7.31 3.54
N LEU B 295 -10.05 6.76 4.62
CA LEU B 295 -9.68 7.59 5.75
C LEU B 295 -8.19 7.75 5.81
N VAL B 296 -7.73 8.69 6.63
CA VAL B 296 -6.30 8.89 6.79
C VAL B 296 -5.74 7.67 7.49
N ASP B 297 -4.44 7.47 7.37
CA ASP B 297 -3.76 6.38 8.05
C ASP B 297 -2.27 6.67 8.03
N GLY B 298 -1.69 6.67 9.21
CA GLY B 298 -0.28 6.96 9.36
C GLY B 298 0.72 6.20 8.51
N CYS B 299 0.45 4.94 8.15
CA CYS B 299 1.45 4.22 7.35
C CYS B 299 1.54 4.84 5.97
N TYR B 300 0.48 5.52 5.56
CA TYR B 300 0.47 6.15 4.24
C TYR B 300 1.26 7.44 4.20
N SER B 301 1.78 7.82 5.36
CA SER B 301 2.60 9.02 5.47
C SER B 301 3.83 8.69 4.64
N PHE B 302 4.15 7.40 4.50
CA PHE B 302 5.28 6.99 3.67
C PHE B 302 4.89 6.49 2.29
N TRP B 303 3.91 5.58 2.22
CA TRP B 303 3.54 5.05 0.93
C TRP B 303 3.07 6.12 -0.05
N GLN B 304 2.30 7.09 0.44
CA GLN B 304 1.80 8.17 -0.42
C GLN B 304 2.77 9.39 -0.52
N ALA B 305 3.23 9.89 0.64
CA ALA B 305 4.12 11.05 0.67
C ALA B 305 5.46 10.71 0.05
N GLY B 306 5.90 9.46 0.17
CA GLY B 306 7.16 9.03 -0.42
C GLY B 306 7.16 9.15 -1.96
N LEU B 307 5.98 9.25 -2.57
CA LEU B 307 5.84 9.35 -4.03
C LEU B 307 6.25 10.70 -4.64
N LEU B 308 6.26 11.75 -3.82
CA LEU B 308 6.65 13.07 -4.29
C LEU B 308 8.17 13.17 -4.54
N PRO B 309 9.01 12.67 -3.59
CA PRO B 309 10.46 12.74 -3.83
C PRO B 309 10.76 11.93 -5.09
N LEU B 310 10.06 10.80 -5.25
CA LEU B 310 10.25 9.96 -6.41
C LEU B 310 9.85 10.75 -7.63
N LEU B 311 8.73 11.46 -7.50
CA LEU B 311 8.20 12.30 -8.59
C LEU B 311 8.98 13.63 -8.80
N HIS B 312 9.88 13.96 -7.88
CA HIS B 312 10.65 15.17 -8.05
C HIS B 312 11.70 14.77 -9.05
N ARG B 313 12.50 13.76 -8.70
CA ARG B 313 13.56 13.24 -9.56
C ARG B 313 12.97 13.02 -10.95
N ALA B 314 11.95 12.17 -11.04
CA ALA B 314 11.33 11.90 -12.32
C ALA B 314 11.12 13.14 -13.15
N LEU B 315 10.40 14.12 -12.59
CA LEU B 315 10.09 15.34 -13.33
C LEU B 315 11.29 16.21 -13.67
N HIS B 316 12.19 16.36 -12.72
CA HIS B 316 13.36 17.15 -12.93
C HIS B 316 14.22 16.44 -13.96
N ALA B 317 14.14 15.12 -13.97
CA ALA B 317 14.90 14.29 -14.89
C ALA B 317 14.50 14.63 -16.31
N GLN B 318 13.23 14.93 -16.52
CA GLN B 318 12.82 15.33 -17.84
C GLN B 318 12.89 16.87 -17.89
N GLY B 319 13.89 17.39 -17.18
CA GLY B 319 14.15 18.82 -17.10
C GLY B 319 12.95 19.70 -16.83
N ASP B 320 12.30 19.52 -15.69
CA ASP B 320 11.16 20.35 -15.38
C ASP B 320 11.65 21.60 -14.66
N PRO B 321 11.23 22.78 -15.16
CA PRO B 321 11.57 24.11 -14.64
C PRO B 321 10.78 24.55 -13.40
N ALA B 322 9.46 24.39 -13.46
CA ALA B 322 8.54 24.79 -12.39
C ALA B 322 8.69 24.10 -11.05
N LEU B 323 9.68 23.23 -10.89
CA LEU B 323 9.89 22.53 -9.63
C LEU B 323 10.63 23.33 -8.55
N SER B 324 10.13 23.22 -7.32
CA SER B 324 10.69 23.86 -6.13
C SER B 324 12.10 23.39 -5.80
N MET B 325 12.86 24.25 -5.14
CA MET B 325 14.23 23.91 -4.76
C MET B 325 14.38 23.76 -3.25
N SER B 326 13.24 23.72 -2.55
CA SER B 326 13.23 23.61 -1.09
C SER B 326 12.21 22.65 -0.47
N HIS B 327 11.14 22.34 -1.20
CA HIS B 327 10.08 21.50 -0.66
C HIS B 327 9.53 20.44 -1.60
N TRP B 328 8.82 19.47 -1.05
CA TRP B 328 8.16 18.42 -1.84
C TRP B 328 6.78 18.94 -2.17
N MET B 329 6.15 18.34 -3.18
CA MET B 329 4.84 18.77 -3.64
C MET B 329 3.67 18.29 -2.82
N PHE B 330 3.82 18.48 -1.50
CA PHE B 330 2.82 18.18 -0.47
C PHE B 330 3.11 19.06 0.75
N HIS B 331 2.11 19.25 1.61
CA HIS B 331 2.30 20.06 2.81
C HIS B 331 3.18 19.32 3.83
N GLN B 332 4.47 19.60 3.85
CA GLN B 332 5.37 18.94 4.81
C GLN B 332 5.01 19.24 6.26
N GLN B 333 4.56 20.47 6.48
CA GLN B 333 4.19 20.91 7.82
C GLN B 333 3.01 20.08 8.34
N ALA B 334 1.89 20.11 7.62
CA ALA B 334 0.68 19.39 7.99
C ALA B 334 0.90 17.89 8.25
N LEU B 335 1.71 17.23 7.43
CA LEU B 335 1.98 15.80 7.65
C LEU B 335 2.78 15.56 8.95
N GLN B 336 3.65 16.51 9.32
CA GLN B 336 4.44 16.35 10.54
C GLN B 336 3.59 16.63 11.77
N GLU B 337 2.60 17.51 11.63
CA GLU B 337 1.70 17.80 12.74
C GLU B 337 0.84 16.59 12.96
N TYR B 338 0.20 16.10 11.88
CA TYR B 338 -0.62 14.87 11.95
C TYR B 338 0.10 13.77 12.73
N ILE B 339 1.30 13.39 12.26
CA ILE B 339 2.09 12.34 12.88
C ILE B 339 2.46 12.63 14.34
N LEU B 340 3.12 13.76 14.59
CA LEU B 340 3.53 14.13 15.93
C LEU B 340 2.37 14.23 16.91
N MET B 341 1.30 14.92 16.51
CA MET B 341 0.13 15.10 17.36
C MET B 341 -0.79 13.90 17.44
N CYS B 342 -1.19 13.36 16.29
CA CYS B 342 -2.12 12.23 16.25
C CYS B 342 -1.67 10.76 16.21
N CYS B 343 -0.48 10.47 15.70
CA CYS B 343 -0.01 9.07 15.54
C CYS B 343 1.03 8.54 16.50
N GLN B 344 1.20 9.19 17.63
CA GLN B 344 2.21 8.75 18.59
C GLN B 344 1.63 8.04 19.80
N CYS B 345 2.20 6.90 20.18
CA CYS B 345 1.67 6.19 21.35
C CYS B 345 2.49 6.61 22.57
N PRO B 346 1.81 7.07 23.64
CA PRO B 346 2.43 7.52 24.88
C PRO B 346 3.44 6.51 25.39
N ALA B 347 3.03 5.25 25.40
CA ALA B 347 3.87 4.16 25.85
C ALA B 347 4.97 3.79 24.86
N GLY B 348 4.97 4.44 23.70
CA GLY B 348 5.97 4.12 22.69
C GLY B 348 5.29 3.50 21.47
N GLY B 349 5.92 3.64 20.31
CA GLY B 349 5.33 3.10 19.10
C GLY B 349 4.37 4.12 18.52
N LEU B 350 4.17 4.03 17.20
CA LEU B 350 3.28 4.93 16.49
C LEU B 350 2.08 4.14 15.99
N LEU B 351 1.10 4.85 15.44
CA LEU B 351 -0.09 4.17 15.02
C LEU B 351 -0.86 4.79 13.88
N ASP B 352 -1.85 4.03 13.42
CA ASP B 352 -2.69 4.40 12.30
C ASP B 352 -3.27 5.78 12.52
N LYS B 353 -4.10 5.91 13.53
CA LYS B 353 -4.74 7.16 13.85
C LYS B 353 -5.14 7.00 15.28
N PRO B 354 -5.60 8.08 15.92
CA PRO B 354 -6.01 7.98 17.32
C PRO B 354 -7.06 6.87 17.60
N GLY B 355 -6.79 6.08 18.64
CA GLY B 355 -7.70 4.99 18.98
C GLY B 355 -7.11 3.64 18.57
N LYS B 356 -6.51 3.62 17.39
CA LYS B 356 -5.88 2.43 16.82
C LYS B 356 -4.76 1.97 17.72
N SER B 357 -4.44 0.68 17.68
CA SER B 357 -3.34 0.17 18.50
C SER B 357 -1.99 0.35 17.80
N ARG B 358 -0.92 0.27 18.59
CA ARG B 358 0.44 0.44 18.10
C ARG B 358 1.04 -0.87 17.60
N ASP B 359 1.93 -0.74 16.63
CA ASP B 359 2.63 -1.88 16.06
C ASP B 359 3.86 -1.34 15.34
N PHE B 360 4.79 -2.24 15.08
CA PHE B 360 6.03 -1.92 14.40
C PHE B 360 5.89 -1.49 12.95
N TYR B 361 4.79 -1.84 12.30
CA TYR B 361 4.58 -1.48 10.90
C TYR B 361 4.28 0.00 10.81
N HIS B 362 3.33 0.45 11.62
CA HIS B 362 3.00 1.88 11.65
C HIS B 362 4.14 2.66 12.28
N THR B 363 4.88 2.03 13.20
CA THR B 363 6.01 2.69 13.85
C THR B 363 7.04 2.97 12.74
N CYS B 364 7.35 1.94 11.97
CA CYS B 364 8.30 2.06 10.89
C CYS B 364 7.85 3.00 9.81
N TYR B 365 6.54 3.09 9.57
CA TYR B 365 6.05 3.96 8.49
C TYR B 365 5.67 5.40 8.83
N CYS B 366 5.25 5.65 10.06
CA CYS B 366 4.94 7.01 10.49
C CYS B 366 6.31 7.71 10.60
N LEU B 367 7.30 7.01 11.15
CA LEU B 367 8.63 7.58 11.26
C LEU B 367 9.24 7.83 9.86
N SER B 368 9.15 6.85 8.95
CA SER B 368 9.68 7.01 7.58
C SER B 368 9.05 8.22 6.90
N GLY B 369 7.77 8.45 7.18
CA GLY B 369 7.07 9.57 6.58
C GLY B 369 7.44 10.90 7.19
N LEU B 370 7.71 10.89 8.50
CA LEU B 370 8.10 12.10 9.22
C LEU B 370 9.41 12.60 8.59
N SER B 371 10.34 11.66 8.42
CA SER B 371 11.64 11.90 7.82
C SER B 371 11.50 12.37 6.38
N ILE B 372 10.54 11.83 5.64
CA ILE B 372 10.34 12.30 4.27
C ILE B 372 9.93 13.77 4.37
N ALA B 373 8.97 14.04 5.25
CA ALA B 373 8.46 15.39 5.44
C ALA B 373 9.47 16.44 5.96
N GLN B 374 10.46 15.99 6.74
CA GLN B 374 11.46 16.89 7.31
C GLN B 374 12.62 17.16 6.39
N HIS B 375 12.84 16.30 5.41
CA HIS B 375 14.00 16.49 4.58
C HIS B 375 13.78 16.59 3.09
N PHE B 376 14.20 17.72 2.52
CA PHE B 376 14.12 17.93 1.09
C PHE B 376 15.52 17.90 0.49
N GLY B 377 15.56 17.64 -0.82
CA GLY B 377 16.80 17.58 -1.58
C GLY B 377 16.43 17.89 -3.02
N SER B 378 17.39 18.32 -3.84
CA SER B 378 17.14 18.63 -5.26
C SER B 378 18.45 18.93 -5.96
N GLY B 379 19.44 18.06 -5.75
CA GLY B 379 20.74 18.24 -6.35
C GLY B 379 21.72 18.58 -5.26
N ALA B 380 21.73 19.86 -4.87
CA ALA B 380 22.60 20.34 -3.81
C ALA B 380 21.81 21.26 -2.88
N MET B 381 20.48 21.20 -3.03
CA MET B 381 19.55 21.98 -2.21
C MET B 381 19.30 21.10 -0.99
N LEU B 382 19.03 21.72 0.16
CA LEU B 382 18.77 20.94 1.37
C LEU B 382 17.87 21.64 2.41
N HIS B 383 16.59 21.84 2.08
CA HIS B 383 15.64 22.51 2.99
C HIS B 383 14.84 21.59 3.92
N ASP B 384 15.49 21.23 5.02
CA ASP B 384 14.87 20.42 6.05
C ASP B 384 13.85 21.30 6.79
N VAL B 385 12.74 20.68 7.20
CA VAL B 385 11.66 21.34 7.93
C VAL B 385 11.37 20.49 9.18
N VAL B 386 11.84 20.91 10.34
CA VAL B 386 11.58 20.11 11.52
C VAL B 386 10.57 20.77 12.43
N MET B 387 9.43 20.09 12.57
CA MET B 387 8.33 20.55 13.41
C MET B 387 8.62 20.30 14.89
N GLY B 388 8.32 21.33 15.68
CA GLY B 388 8.54 21.29 17.12
C GLY B 388 9.99 21.17 17.54
N VAL B 389 10.19 20.65 18.74
CA VAL B 389 11.49 20.40 19.33
C VAL B 389 12.42 19.87 18.24
N PRO B 390 13.49 20.61 17.89
CA PRO B 390 14.45 20.24 16.86
C PRO B 390 15.11 18.89 17.08
N GLU B 391 14.82 18.29 18.23
CA GLU B 391 15.34 16.95 18.54
C GLU B 391 14.42 15.95 17.83
N ASN B 392 13.38 16.48 17.20
CA ASN B 392 12.40 15.70 16.47
C ASN B 392 12.89 15.27 15.09
N VAL B 393 13.98 15.87 14.60
CA VAL B 393 14.53 15.51 13.29
C VAL B 393 15.09 14.09 13.25
N LEU B 394 14.76 13.39 12.16
CA LEU B 394 15.16 12.00 12.00
C LEU B 394 16.24 11.83 10.95
N GLN B 395 16.96 10.71 11.04
CA GLN B 395 17.97 10.41 10.05
C GLN B 395 17.25 10.33 8.71
N PRO B 396 17.98 10.45 7.62
CA PRO B 396 17.30 10.39 6.33
C PRO B 396 17.00 8.99 5.85
N THR B 397 16.03 8.89 4.94
CA THR B 397 15.68 7.60 4.34
C THR B 397 15.56 7.80 2.83
N HIS B 398 16.02 6.79 2.09
CA HIS B 398 15.99 6.76 0.63
C HIS B 398 14.55 6.51 0.15
N PRO B 399 13.95 7.43 -0.64
CA PRO B 399 12.58 7.27 -1.14
C PRO B 399 12.24 6.10 -2.08
N VAL B 400 13.20 5.20 -2.33
CA VAL B 400 12.94 4.05 -3.18
C VAL B 400 13.03 2.79 -2.33
N TYR B 401 14.12 2.67 -1.57
CA TYR B 401 14.35 1.51 -0.72
C TYR B 401 13.80 1.61 0.69
N ASN B 402 13.61 2.84 1.14
CA ASN B 402 13.15 3.13 2.48
C ASN B 402 14.12 2.61 3.51
N ILE B 403 15.40 2.84 3.23
CA ILE B 403 16.52 2.55 4.15
C ILE B 403 17.41 3.76 3.97
N GLY B 404 18.22 4.05 4.98
CA GLY B 404 19.10 5.19 4.92
C GLY B 404 19.88 5.26 3.64
N PRO B 405 19.83 6.40 2.96
CA PRO B 405 20.50 6.64 1.69
C PRO B 405 21.97 6.22 1.68
N ASP B 406 22.58 6.16 2.85
CA ASP B 406 23.97 5.77 3.00
C ASP B 406 24.14 4.27 2.93
N LYS B 407 23.18 3.54 3.50
CA LYS B 407 23.17 2.08 3.52
C LYS B 407 22.91 1.60 2.10
N VAL B 408 22.05 2.33 1.38
CA VAL B 408 21.73 2.02 0.00
C VAL B 408 23.06 2.12 -0.78
N ILE B 409 23.63 3.32 -0.81
CA ILE B 409 24.90 3.55 -1.49
C ILE B 409 25.98 2.56 -1.10
N GLN B 410 26.10 2.30 0.19
CA GLN B 410 27.11 1.37 0.70
C GLN B 410 26.88 -0.09 0.20
N ALA B 411 25.62 -0.52 0.18
CA ALA B 411 25.28 -1.87 -0.26
C ALA B 411 25.47 -2.08 -1.76
N THR B 412 24.85 -1.24 -2.58
CA THR B 412 24.94 -1.40 -4.04
C THR B 412 26.39 -1.48 -4.52
N THR B 413 27.23 -0.58 -4.02
CA THR B 413 28.63 -0.58 -4.42
C THR B 413 29.37 -1.82 -3.96
N HIS B 414 29.06 -2.31 -2.77
CA HIS B 414 29.74 -3.50 -2.28
C HIS B 414 29.41 -4.71 -3.15
N PHE B 415 28.15 -4.81 -3.57
CA PHE B 415 27.73 -5.93 -4.38
C PHE B 415 28.12 -5.67 -5.81
N LEU B 416 28.36 -4.39 -6.10
CA LEU B 416 28.77 -3.96 -7.42
C LEU B 416 30.16 -4.50 -7.79
N GLN B 417 30.95 -4.92 -6.80
CA GLN B 417 32.27 -5.49 -7.07
C GLN B 417 32.18 -7.00 -7.22
N LYS B 418 30.96 -7.48 -7.46
CA LYS B 418 30.67 -8.89 -7.68
C LYS B 418 30.05 -8.94 -9.08
N PRO B 419 30.29 -10.03 -9.80
CA PRO B 419 29.69 -10.06 -11.13
C PRO B 419 28.24 -10.51 -11.04
N VAL B 420 27.38 -9.91 -11.86
CA VAL B 420 26.00 -10.31 -11.93
C VAL B 420 26.06 -11.81 -12.21
N PRO B 421 25.28 -12.63 -11.46
CA PRO B 421 25.27 -14.09 -11.68
C PRO B 421 24.88 -14.44 -13.12
N GLY B 422 25.87 -14.37 -14.00
CA GLY B 422 25.68 -14.66 -15.41
C GLY B 422 25.69 -16.15 -15.67
N PHE B 423 24.79 -16.60 -16.54
CA PHE B 423 24.66 -18.00 -16.88
C PHE B 423 24.06 -18.24 -18.29
C ACE C 1 -4.07 -3.22 9.67
O ACE C 1 -5.10 -3.32 8.98
CH3 ACE C 1 -4.12 -3.19 11.19
N CYS C 2 -2.87 -3.11 9.13
CA CYS C 2 -2.73 -3.14 7.72
C CYS C 2 -1.94 -4.36 7.34
N VAL C 3 -2.59 -5.24 6.59
CA VAL C 3 -1.99 -6.48 6.14
C VAL C 3 -1.31 -6.22 4.79
N ILE C 4 0.02 -6.28 4.76
CA ILE C 4 0.80 -6.04 3.52
C ILE C 4 1.40 -7.31 2.87
N MSE C 5 1.00 -8.48 3.39
CA MSE C 5 1.51 -9.76 2.90
C MSE C 5 0.62 -10.90 3.45
O MSE C 5 0.64 -12.03 2.91
OXT MSE C 5 -0.12 -10.66 4.42
CB MSE C 5 2.91 -9.89 3.45
CG MSE C 5 3.50 -11.23 3.41
SE MSE C 5 4.87 -11.33 4.54
CE MSE C 5 5.23 -13.05 4.29
O ACT D . 5.86 -23.03 9.16
OXT ACT D . 7.31 -23.58 10.75
CH3 ACT D . 7.69 -24.51 8.58
ZN ZN E . -1.90 1.84 8.21
P HFP F . -6.56 -1.59 2.64
O1P HFP F . -7.88 -1.72 3.23
O2P HFP F . -6.46 -0.39 1.66
O3P HFP F . -5.46 -1.45 3.72
C1 HFP F . -6.20 -3.12 1.69
O1 HFP F . -6.79 -4.25 2.37
C2 HFP F . -4.70 -3.33 1.61
C3 HFP F . -4.09 -3.77 0.49
C4 HFP F . -4.90 -4.09 -0.74
C5 HFP F . -2.59 -3.95 0.46
C6 HFP F . -1.84 -2.73 1.10
C7 HFP F . -0.46 -2.58 0.50
C8 HFP F . 0.51 -1.86 1.08
C9 HFP F . 0.24 -1.16 2.39
C10 HFP F . 1.89 -1.72 0.46
C11 HFP F . 2.69 -3.00 0.57
C12 HFP F . 4.12 -2.75 0.11
C13 HFP F . 5.08 -3.70 0.16
C14 HFP F . 4.79 -5.09 0.67
C15 HFP F . 6.49 -3.41 -0.31
#